data_5ZZB
#
_entry.id   5ZZB
#
_cell.length_a   53.850
_cell.length_b   123.300
_cell.length_c   88.240
_cell.angle_alpha   90.00
_cell.angle_beta   96.90
_cell.angle_gamma   90.00
#
_symmetry.space_group_name_H-M   'P 1 21 1'
#
loop_
_entity.id
_entity.type
_entity.pdbx_description
1 polymer 'Actin, alpha skeletal muscle'
2 polymer 'Uncharacterized protein'
3 non-polymer 'LATRUNCULIN B'
4 non-polymer "ADENOSINE-5'-TRIPHOSPHATE"
5 non-polymer 'CALCIUM ION'
6 water water
#
loop_
_entity_poly.entity_id
_entity_poly.type
_entity_poly.pdbx_seq_one_letter_code
_entity_poly.pdbx_strand_id
1 'polypeptide(L)'
;TTALVCDNGSGLVKAGFAGDDAPRAVFPSIVGRPRHQGVMVGMGQKDSYVGDEAQSKRGILTLKYPIEHGIITNWDDMEK
IWHHTFYNELRVAPEEHPTLLTEAPLNPKANREKMTQIMFETFNVPAMYVAIQAVLSLYASGRTTGIVLDSGDGVTHNVP
IYEGYALPHAIMRLDLAGRDLTDYLMKILTERGYSFVTTAEREIVRDIKEKLCYVALDFENEMATAASSSSLEKSYELPD
GQVITIGNERFRCPETLFQPSFIGMESAGIHETTYNSIMKCDIDIRKDLYANNVMSGGTTMYPGIADRMQKEITALAPST
MKIKIIAPPERKYSVWIGGSILASLSTFQQMWITKQEYDEAGPSIVHRKCF
;
B,D
2 'polypeptide(L)'
;GPMSEKIEGIIDDLLNVEENADAIAIIGKDGQIVTQTENWNVSNDLEIINELLNEKLALGEKGITSLSIQGIKYMIVENT
EERKIGTNITGKGHVLICPIPIGGPGALIAYVNPRAGPRDLLFNVQEYAKKLINLI
;
A,C
#
# COMPACT_ATOMS: atom_id res chain seq x y z
N THR A 1 15.11 7.88 -7.31
CA THR A 1 14.79 6.76 -6.34
C THR A 1 13.27 6.60 -6.05
N THR A 2 12.60 7.74 -5.83
CA THR A 2 11.15 7.79 -5.68
C THR A 2 10.53 8.12 -7.04
N ALA A 3 9.75 7.18 -7.55
CA ALA A 3 9.04 7.34 -8.80
C ALA A 3 7.84 8.27 -8.65
N LEU A 4 7.46 8.89 -9.78
CA LEU A 4 6.26 9.71 -9.90
C LEU A 4 5.18 8.97 -10.68
N VAL A 5 3.92 9.31 -10.38
CA VAL A 5 2.77 8.76 -11.08
C VAL A 5 1.87 9.91 -11.45
N CYS A 6 1.68 10.09 -12.76
CA CYS A 6 0.78 11.08 -13.30
CA CYS A 6 0.80 11.09 -13.33
C CYS A 6 -0.30 10.36 -14.08
N ASP A 7 -1.56 10.57 -13.68
CA ASP A 7 -2.72 10.00 -14.37
C ASP A 7 -3.54 11.13 -15.07
N ASN A 8 -3.33 11.26 -16.37
CA ASN A 8 -3.92 12.37 -17.13
C ASN A 8 -5.29 11.99 -17.71
N GLY A 9 -6.34 12.51 -17.08
CA GLY A 9 -7.72 12.37 -17.58
C GLY A 9 -8.18 13.55 -18.41
N SER A 10 -9.31 13.35 -19.08
CA SER A 10 -9.97 14.38 -19.85
C SER A 10 -10.40 15.59 -19.01
N GLY A 11 -10.77 15.36 -17.76
CA GLY A 11 -11.22 16.39 -16.85
C GLY A 11 -10.23 16.75 -15.75
N LEU A 12 -9.66 15.73 -15.10
CA LEU A 12 -8.84 15.87 -13.90
C LEU A 12 -7.49 15.18 -14.03
N VAL A 13 -6.43 15.87 -13.60
CA VAL A 13 -5.11 15.29 -13.45
C VAL A 13 -5.00 14.75 -12.02
N LYS A 14 -4.41 13.57 -11.88
CA LYS A 14 -4.13 12.98 -10.58
C LYS A 14 -2.62 12.72 -10.60
N ALA A 15 -1.88 13.35 -9.70
CA ALA A 15 -0.41 13.27 -9.73
C ALA A 15 0.15 13.06 -8.33
N GLY A 16 1.30 12.43 -8.25
CA GLY A 16 1.83 12.12 -6.93
C GLY A 16 3.08 11.30 -6.95
N PHE A 17 3.35 10.70 -5.80
CA PHE A 17 4.57 9.95 -5.56
C PHE A 17 4.22 8.48 -5.40
N ALA A 18 4.91 7.63 -6.14
CA ALA A 18 4.79 6.18 -6.01
C ALA A 18 5.00 5.73 -4.57
N GLY A 19 4.12 4.85 -4.11
CA GLY A 19 4.16 4.34 -2.74
C GLY A 19 3.27 5.11 -1.76
N ASP A 20 2.68 6.23 -2.19
CA ASP A 20 1.70 6.94 -1.39
C ASP A 20 0.36 6.31 -1.65
N ASP A 21 -0.55 6.45 -0.69
CA ASP A 21 -1.90 5.86 -0.79
C ASP A 21 -2.83 6.66 -1.71
N ALA A 22 -2.50 7.93 -1.96
CA ALA A 22 -3.39 8.84 -2.66
C ALA A 22 -2.60 9.82 -3.53
N PRO A 23 -3.20 10.32 -4.62
CA PRO A 23 -2.50 11.39 -5.30
C PRO A 23 -2.30 12.60 -4.36
N ARG A 24 -1.11 13.19 -4.42
CA ARG A 24 -0.78 14.39 -3.68
C ARG A 24 -1.56 15.59 -4.25
N ALA A 25 -1.88 15.52 -5.56
CA ALA A 25 -2.51 16.63 -6.27
C ALA A 25 -3.54 16.15 -7.29
N VAL A 26 -4.75 16.68 -7.15
CA VAL A 26 -5.85 16.44 -8.07
C VAL A 26 -6.34 17.80 -8.55
N PHE A 27 -6.30 18.05 -9.86
CA PHE A 27 -6.62 19.40 -10.38
C PHE A 27 -7.11 19.37 -11.82
N PRO A 28 -7.93 20.36 -12.22
CA PRO A 28 -8.51 20.32 -13.57
C PRO A 28 -7.50 20.34 -14.73
N SER A 29 -7.80 19.55 -15.76
CA SER A 29 -6.91 19.34 -16.89
C SER A 29 -7.25 20.39 -17.93
N ILE A 30 -6.80 21.62 -17.66
CA ILE A 30 -7.11 22.77 -18.48
C ILE A 30 -5.92 23.73 -18.55
N VAL A 31 -5.75 24.41 -19.68
CA VAL A 31 -4.77 25.46 -19.82
C VAL A 31 -5.51 26.73 -20.23
N GLY A 32 -5.23 27.80 -19.50
CA GLY A 32 -5.83 29.09 -19.73
C GLY A 32 -4.80 30.05 -20.27
N ARG A 33 -5.19 30.79 -21.31
CA ARG A 33 -4.38 31.84 -21.90
C ARG A 33 -5.12 33.18 -21.72
N PRO A 34 -4.39 34.29 -21.47
CA PRO A 34 -5.04 35.60 -21.28
C PRO A 34 -5.90 35.98 -22.45
N ARG A 35 -7.07 36.56 -22.17
CA ARG A 35 -7.94 37.09 -23.23
C ARG A 35 -7.30 38.27 -23.97
N HIS A 36 -6.43 39.04 -23.30
CA HIS A 36 -5.64 40.10 -23.96
C HIS A 36 -4.15 40.03 -23.57
N GLN A 37 -3.28 40.50 -24.47
CA GLN A 37 -1.81 40.44 -24.26
C GLN A 37 -1.07 41.59 -24.92
N GLN A 45 2.02 39.44 -15.24
CA GLN A 45 1.02 38.42 -15.55
C GLN A 45 1.53 37.43 -16.61
N LYS A 46 1.17 36.15 -16.46
CA LYS A 46 1.85 35.06 -17.18
C LYS A 46 1.25 34.74 -18.57
N ASP A 47 2.03 34.01 -19.37
CA ASP A 47 1.62 33.61 -20.73
C ASP A 47 0.63 32.45 -20.70
N SER A 48 0.69 31.63 -19.66
CA SER A 48 -0.34 30.64 -19.43
C SER A 48 -0.54 30.33 -17.96
N TYR A 49 -1.63 29.63 -17.68
CA TYR A 49 -1.96 29.09 -16.36
C TYR A 49 -2.59 27.71 -16.53
N VAL A 50 -2.37 26.87 -15.54
CA VAL A 50 -2.86 25.50 -15.50
C VAL A 50 -3.66 25.25 -14.21
N GLY A 51 -4.66 24.35 -14.31
CA GLY A 51 -5.29 23.78 -13.12
C GLY A 51 -6.14 24.75 -12.31
N ASP A 52 -6.08 24.58 -10.98
CA ASP A 52 -6.85 25.41 -10.04
C ASP A 52 -6.74 26.90 -10.32
N GLU A 53 -5.54 27.32 -10.73
CA GLU A 53 -5.24 28.71 -11.02
C GLU A 53 -5.94 29.20 -12.29
N ALA A 54 -5.97 28.36 -13.31
CA ALA A 54 -6.73 28.66 -14.53
C ALA A 54 -8.20 28.88 -14.20
N GLN A 55 -8.75 27.98 -13.39
CA GLN A 55 -10.11 28.10 -12.85
C GLN A 55 -10.33 29.36 -11.98
N SER A 56 -9.40 29.66 -11.06
CA SER A 56 -9.49 30.86 -10.22
C SER A 56 -9.66 32.13 -11.06
N LYS A 57 -8.94 32.18 -12.17
CA LYS A 57 -8.89 33.37 -13.02
C LYS A 57 -9.63 33.17 -14.34
N ARG A 58 -10.55 32.19 -14.39
CA ARG A 58 -11.30 31.83 -15.60
C ARG A 58 -11.76 33.02 -16.46
N GLY A 59 -12.24 34.07 -15.79
CA GLY A 59 -12.88 35.19 -16.45
C GLY A 59 -11.99 36.10 -17.27
N ILE A 60 -10.69 36.11 -16.98
CA ILE A 60 -9.73 36.86 -17.77
C ILE A 60 -8.86 35.93 -18.63
N LEU A 61 -9.31 34.69 -18.83
CA LEU A 61 -8.59 33.73 -19.66
C LEU A 61 -9.53 33.04 -20.65
N THR A 62 -8.94 32.25 -21.53
CA THR A 62 -9.65 31.38 -22.44
C THR A 62 -9.15 29.98 -22.11
N LEU A 63 -10.07 29.10 -21.70
CA LEU A 63 -9.74 27.77 -21.19
C LEU A 63 -9.86 26.70 -22.27
N LYS A 64 -8.90 25.78 -22.33
CA LYS A 64 -8.92 24.63 -23.28
C LYS A 64 -8.62 23.33 -22.56
N TYR A 65 -9.20 22.25 -23.09
CA TYR A 65 -8.99 20.89 -22.61
C TYR A 65 -8.05 20.16 -23.58
N PRO A 66 -6.80 19.93 -23.17
CA PRO A 66 -5.88 19.23 -24.06
C PRO A 66 -6.18 17.76 -24.33
N ILE A 67 -7.00 17.13 -23.50
CA ILE A 67 -7.34 15.72 -23.62
C ILE A 67 -8.84 15.61 -23.86
N GLU A 68 -9.18 14.92 -24.95
CA GLU A 68 -10.55 14.72 -25.39
C GLU A 68 -10.83 13.23 -25.44
N HIS A 69 -11.87 12.80 -24.73
CA HIS A 69 -12.25 11.38 -24.65
C HIS A 69 -11.06 10.48 -24.28
N GLY A 70 -10.24 10.95 -23.34
CA GLY A 70 -9.05 10.22 -22.88
C GLY A 70 -7.80 10.29 -23.77
N ILE A 71 -7.89 10.98 -24.91
CA ILE A 71 -6.79 11.08 -25.88
C ILE A 71 -6.18 12.50 -25.89
N ILE A 72 -4.85 12.57 -25.91
CA ILE A 72 -4.15 13.85 -25.96
C ILE A 72 -4.31 14.38 -27.38
N THR A 73 -4.94 15.55 -27.53
CA THR A 73 -5.10 16.24 -28.82
C THR A 73 -4.36 17.58 -28.97
N ASN A 74 -4.15 18.30 -27.87
CA ASN A 74 -3.41 19.57 -27.89
C ASN A 74 -2.09 19.33 -27.16
N TRP A 75 -1.06 19.03 -27.94
CA TRP A 75 0.24 18.64 -27.42
C TRP A 75 1.02 19.78 -26.76
N ASP A 76 0.83 21.01 -27.23
CA ASP A 76 1.46 22.19 -26.60
C ASP A 76 0.85 22.43 -25.23
N ASP A 77 -0.49 22.39 -25.16
CA ASP A 77 -1.17 22.51 -23.88
C ASP A 77 -0.89 21.37 -22.93
N MET A 78 -0.78 20.15 -23.46
CA MET A 78 -0.41 19.01 -22.62
C MET A 78 0.99 19.17 -21.99
N GLU A 79 1.92 19.75 -22.74
CA GLU A 79 3.26 19.99 -22.26
C GLU A 79 3.23 20.99 -21.10
N LYS A 80 2.38 22.01 -21.17
CA LYS A 80 2.20 22.95 -20.04
C LYS A 80 1.68 22.19 -18.82
N ILE A 81 0.65 21.33 -19.00
CA ILE A 81 0.10 20.52 -17.88
C ILE A 81 1.19 19.67 -17.23
N TRP A 82 2.02 19.04 -18.06
CA TRP A 82 3.10 18.22 -17.53
C TRP A 82 4.16 19.07 -16.79
N HIS A 83 4.53 20.21 -17.36
CA HIS A 83 5.46 21.15 -16.73
C HIS A 83 4.91 21.65 -15.40
N HIS A 84 3.66 22.10 -15.42
CA HIS A 84 2.99 22.54 -14.19
C HIS A 84 2.95 21.43 -13.13
N THR A 85 2.64 20.21 -13.55
CA THR A 85 2.64 19.07 -12.64
C THR A 85 3.99 18.86 -11.94
N PHE A 86 5.08 18.87 -12.72
CA PHE A 86 6.42 18.59 -12.18
C PHE A 86 6.86 19.73 -11.27
N TYR A 87 6.81 20.96 -11.79
CA TYR A 87 7.35 22.14 -11.13
C TYR A 87 6.46 22.82 -10.08
N ASN A 88 5.16 22.92 -10.30
CA ASN A 88 4.24 23.63 -9.36
C ASN A 88 3.46 22.73 -8.39
N GLU A 89 3.12 21.53 -8.79
CA GLU A 89 2.28 20.66 -7.95
C GLU A 89 3.12 19.68 -7.13
N LEU A 90 4.08 19.05 -7.76
CA LEU A 90 4.91 18.06 -7.09
C LEU A 90 6.24 18.64 -6.62
N ARG A 91 6.65 19.77 -7.18
CA ARG A 91 7.88 20.47 -6.77
C ARG A 91 9.06 19.51 -6.84
N VAL A 92 9.34 19.03 -8.05
CA VAL A 92 10.46 18.14 -8.32
C VAL A 92 11.18 18.63 -9.54
N ALA A 93 12.36 18.08 -9.74
CA ALA A 93 13.08 18.22 -11.00
C ALA A 93 12.86 16.88 -11.76
N PRO A 94 12.22 16.93 -12.95
CA PRO A 94 11.81 15.65 -13.59
C PRO A 94 12.97 14.71 -13.95
N GLU A 95 14.12 15.30 -14.27
CA GLU A 95 15.33 14.52 -14.53
C GLU A 95 15.80 13.64 -13.37
N GLU A 96 15.29 13.90 -12.16
CA GLU A 96 15.65 13.15 -10.95
C GLU A 96 14.71 12.01 -10.60
N HIS A 97 13.71 11.71 -11.45
CA HIS A 97 12.64 10.78 -11.06
C HIS A 97 12.11 9.91 -12.23
N PRO A 98 12.09 8.58 -12.05
CA PRO A 98 11.31 7.78 -13.01
C PRO A 98 9.88 8.24 -12.99
N THR A 99 9.27 8.41 -14.15
CA THR A 99 7.89 8.87 -14.24
C THR A 99 6.99 7.85 -14.94
N LEU A 100 5.99 7.35 -14.22
CA LEU A 100 4.95 6.49 -14.77
C LEU A 100 3.77 7.37 -15.22
N LEU A 101 3.36 7.24 -16.49
CA LEU A 101 2.19 7.91 -17.04
C LEU A 101 1.06 6.91 -17.38
N THR A 102 -0.15 7.43 -17.58
CA THR A 102 -1.29 6.60 -17.98
C THR A 102 -1.85 7.01 -19.36
N GLU A 103 -2.57 6.06 -19.97
CA GLU A 103 -3.15 6.25 -21.28
C GLU A 103 -4.45 5.48 -21.41
N ALA A 104 -5.20 5.83 -22.44
CA ALA A 104 -6.46 5.16 -22.75
C ALA A 104 -6.16 3.82 -23.40
N PRO A 105 -7.12 2.89 -23.31
CA PRO A 105 -7.10 1.70 -24.17
C PRO A 105 -7.13 2.15 -25.61
N LEU A 106 -6.39 1.46 -26.48
CA LEU A 106 -6.38 1.76 -27.93
C LEU A 106 -5.91 3.17 -28.26
N ASN A 107 -5.01 3.67 -27.42
CA ASN A 107 -4.34 4.95 -27.66
C ASN A 107 -3.49 4.72 -28.90
N PRO A 108 -3.65 5.58 -29.93
CA PRO A 108 -2.87 5.33 -31.17
C PRO A 108 -1.36 5.30 -30.94
N LYS A 109 -0.66 4.50 -31.73
CA LYS A 109 0.78 4.30 -31.55
C LYS A 109 1.59 5.60 -31.58
N ALA A 110 1.19 6.53 -32.45
CA ALA A 110 1.96 7.78 -32.60
C ALA A 110 1.85 8.69 -31.34
N ASN A 111 0.72 8.62 -30.63
CA ASN A 111 0.53 9.31 -29.36
C ASN A 111 1.43 8.78 -28.26
N ARG A 112 1.58 7.45 -28.20
CA ARG A 112 2.42 6.77 -27.22
C ARG A 112 3.88 7.16 -27.41
N GLU A 113 4.31 7.22 -28.67
CA GLU A 113 5.64 7.69 -29.00
C GLU A 113 5.90 9.14 -28.61
N LYS A 114 4.95 10.00 -28.95
CA LYS A 114 5.05 11.42 -28.70
C LYS A 114 5.13 11.75 -27.18
N MET A 115 4.34 11.03 -26.38
CA MET A 115 4.45 11.07 -24.92
C MET A 115 5.86 10.68 -24.46
N THR A 116 6.42 9.63 -25.07
CA THR A 116 7.72 9.11 -24.70
C THR A 116 8.81 10.10 -25.10
N GLN A 117 8.72 10.60 -26.34
CA GLN A 117 9.64 11.61 -26.88
C GLN A 117 9.72 12.87 -25.99
N ILE A 118 8.55 13.38 -25.59
CA ILE A 118 8.46 14.58 -24.77
C ILE A 118 9.06 14.37 -23.39
N MET A 119 8.77 13.22 -22.76
CA MET A 119 9.32 12.94 -21.42
C MET A 119 10.85 12.86 -21.42
N PHE A 120 11.44 12.16 -22.39
CA PHE A 120 12.92 12.07 -22.44
C PHE A 120 13.67 13.31 -22.97
N GLU A 121 13.09 14.01 -23.95
CA GLU A 121 13.78 15.09 -24.66
C GLU A 121 13.48 16.46 -24.10
N THR A 122 12.23 16.71 -23.71
CA THR A 122 11.81 17.99 -23.17
C THR A 122 11.97 18.02 -21.65
N PHE A 123 11.60 16.94 -20.98
CA PHE A 123 11.66 16.86 -19.52
C PHE A 123 12.86 16.09 -18.98
N ASN A 124 13.60 15.41 -19.86
CA ASN A 124 14.86 14.71 -19.53
C ASN A 124 14.73 13.70 -18.38
N VAL A 125 13.59 13.03 -18.29
CA VAL A 125 13.39 12.03 -17.23
C VAL A 125 14.42 10.91 -17.37
N PRO A 126 14.93 10.38 -16.25
CA PRO A 126 15.91 9.31 -16.32
C PRO A 126 15.28 7.99 -16.77
N ALA A 127 13.96 7.86 -16.61
CA ALA A 127 13.24 6.64 -16.90
C ALA A 127 11.77 6.97 -16.97
N MET A 128 11.01 6.19 -17.74
CA MET A 128 9.55 6.34 -17.79
C MET A 128 8.83 5.07 -18.20
N TYR A 129 7.51 5.08 -18.02
CA TYR A 129 6.65 3.94 -18.32
C TYR A 129 5.25 4.46 -18.56
N VAL A 130 4.51 3.81 -19.45
CA VAL A 130 3.10 4.13 -19.62
C VAL A 130 2.25 2.84 -19.56
N ALA A 131 1.14 2.91 -18.84
CA ALA A 131 0.23 1.79 -18.62
C ALA A 131 -1.19 2.22 -18.95
N ILE A 132 -2.02 1.24 -19.29
CA ILE A 132 -3.43 1.48 -19.55
C ILE A 132 -4.16 1.71 -18.24
N GLN A 133 -5.03 2.73 -18.23
CA GLN A 133 -5.71 3.17 -17.00
C GLN A 133 -6.53 2.08 -16.33
N ALA A 134 -7.46 1.47 -17.09
CA ALA A 134 -8.26 0.34 -16.60
C ALA A 134 -7.40 -0.78 -16.04
N VAL A 135 -6.28 -1.08 -16.70
CA VAL A 135 -5.38 -2.12 -16.20
C VAL A 135 -4.85 -1.78 -14.79
N LEU A 136 -4.51 -0.51 -14.54
CA LEU A 136 -4.09 -0.09 -13.19
C LEU A 136 -5.23 -0.14 -12.14
N SER A 137 -6.45 0.19 -12.54
CA SER A 137 -7.62 0.03 -11.66
C SER A 137 -7.78 -1.41 -11.17
N LEU A 138 -7.61 -2.36 -12.09
CA LEU A 138 -7.70 -3.78 -11.74
C LEU A 138 -6.57 -4.12 -10.78
N TYR A 139 -5.38 -3.61 -11.06
CA TYR A 139 -4.23 -3.80 -10.19
C TYR A 139 -4.47 -3.21 -8.78
N ALA A 140 -5.14 -2.05 -8.71
CA ALA A 140 -5.56 -1.47 -7.43
C ALA A 140 -6.61 -2.24 -6.62
N SER A 141 -7.38 -3.15 -7.24
CA SER A 141 -8.24 -4.05 -6.48
C SER A 141 -7.56 -5.42 -6.19
N GLY A 142 -6.24 -5.52 -6.35
CA GLY A 142 -5.49 -6.70 -5.99
C GLY A 142 -5.78 -7.91 -6.87
N ARG A 143 -6.15 -7.64 -8.11
CA ARG A 143 -6.49 -8.67 -9.10
C ARG A 143 -5.67 -8.44 -10.36
N THR A 144 -5.39 -9.51 -11.10
CA THR A 144 -4.76 -9.40 -12.42
C THR A 144 -5.61 -9.87 -13.56
N THR A 145 -6.71 -10.57 -13.27
CA THR A 145 -7.69 -10.96 -14.27
C THR A 145 -9.05 -10.42 -13.86
N GLY A 146 -9.79 -9.90 -14.84
CA GLY A 146 -11.06 -9.24 -14.60
C GLY A 146 -11.48 -8.36 -15.77
N ILE A 147 -12.66 -7.77 -15.66
CA ILE A 147 -13.17 -6.80 -16.65
C ILE A 147 -13.50 -5.49 -15.94
N VAL A 148 -12.87 -4.42 -16.39
CA VAL A 148 -13.03 -3.12 -15.73
C VAL A 148 -14.03 -2.32 -16.52
N LEU A 149 -14.98 -1.72 -15.82
CA LEU A 149 -15.77 -0.61 -16.35
C LEU A 149 -15.10 0.66 -15.83
N ASP A 150 -14.46 1.40 -16.74
CA ASP A 150 -13.76 2.65 -16.43
C ASP A 150 -14.52 3.80 -17.09
N SER A 151 -15.12 4.68 -16.29
CA SER A 151 -15.95 5.79 -16.79
C SER A 151 -15.58 7.06 -16.02
N GLY A 152 -15.05 8.04 -16.73
CA GLY A 152 -14.59 9.30 -16.17
C GLY A 152 -15.42 10.45 -16.69
N ASP A 153 -14.75 11.51 -17.11
CA ASP A 153 -15.37 12.74 -17.58
C ASP A 153 -15.60 12.78 -19.08
N GLY A 154 -14.67 12.19 -19.84
CA GLY A 154 -14.70 12.23 -21.33
C GLY A 154 -15.06 10.94 -22.05
N VAL A 155 -14.81 9.80 -21.41
CA VAL A 155 -14.88 8.52 -22.09
C VAL A 155 -15.18 7.35 -21.11
N THR A 156 -15.82 6.30 -21.64
CA THR A 156 -16.15 5.10 -20.88
C THR A 156 -15.68 3.87 -21.66
N HIS A 157 -14.96 2.97 -20.98
CA HIS A 157 -14.50 1.74 -21.61
C HIS A 157 -14.95 0.50 -20.85
N ASN A 158 -15.16 -0.59 -21.59
CA ASN A 158 -15.12 -1.92 -20.98
C ASN A 158 -13.78 -2.50 -21.35
N VAL A 159 -13.03 -2.99 -20.37
CA VAL A 159 -11.69 -3.50 -20.60
C VAL A 159 -11.51 -4.86 -19.92
N PRO A 160 -11.64 -5.95 -20.70
CA PRO A 160 -11.31 -7.27 -20.17
C PRO A 160 -9.78 -7.49 -20.17
N ILE A 161 -9.29 -8.00 -19.06
CA ILE A 161 -7.88 -8.08 -18.77
C ILE A 161 -7.58 -9.49 -18.32
N TYR A 162 -6.56 -10.11 -18.89
CA TYR A 162 -6.09 -11.40 -18.45
C TYR A 162 -4.64 -11.34 -17.98
N GLU A 163 -4.43 -11.60 -16.69
CA GLU A 163 -3.11 -11.65 -16.09
C GLU A 163 -2.32 -10.38 -16.41
N GLY A 164 -2.91 -9.24 -16.05
CA GLY A 164 -2.27 -7.93 -16.16
C GLY A 164 -2.30 -7.25 -17.52
N TYR A 165 -2.83 -7.89 -18.55
CA TYR A 165 -2.84 -7.29 -19.87
C TYR A 165 -4.24 -7.30 -20.50
N ALA A 166 -4.63 -6.12 -21.00
CA ALA A 166 -5.89 -5.95 -21.70
C ALA A 166 -5.98 -6.91 -22.89
N LEU A 167 -7.18 -7.37 -23.16
CA LEU A 167 -7.42 -8.20 -24.35
C LEU A 167 -7.85 -7.23 -25.46
N PRO A 168 -6.92 -6.88 -26.37
CA PRO A 168 -7.19 -5.71 -27.24
C PRO A 168 -8.41 -5.87 -28.17
N HIS A 169 -8.60 -7.06 -28.69
CA HIS A 169 -9.76 -7.37 -29.55
C HIS A 169 -11.14 -7.21 -28.85
N ALA A 170 -11.17 -7.25 -27.51
CA ALA A 170 -12.40 -7.25 -26.73
C ALA A 170 -12.77 -5.93 -26.03
N ILE A 171 -11.96 -4.88 -26.22
CA ILE A 171 -12.17 -3.59 -25.54
C ILE A 171 -13.30 -2.85 -26.26
N MET A 172 -14.22 -2.29 -25.48
CA MET A 172 -15.31 -1.44 -25.98
C MET A 172 -15.09 -0.02 -25.52
N ARG A 173 -15.15 0.93 -26.45
CA ARG A 173 -15.08 2.34 -26.12
C ARG A 173 -16.46 2.91 -26.36
N LEU A 174 -16.86 3.83 -25.48
CA LEU A 174 -18.13 4.54 -25.64
C LEU A 174 -17.91 6.01 -25.27
N ASP A 175 -18.12 6.92 -26.22
CA ASP A 175 -17.99 8.38 -26.03
C ASP A 175 -19.16 9.01 -25.27
N LEU A 176 -19.40 8.52 -24.07
CA LEU A 176 -20.44 8.99 -23.20
C LEU A 176 -19.90 8.78 -21.80
N ALA A 177 -19.77 9.88 -21.06
CA ALA A 177 -19.18 9.88 -19.73
C ALA A 177 -19.71 11.09 -18.91
N GLY A 178 -19.00 11.53 -17.87
CA GLY A 178 -19.57 12.48 -16.91
C GLY A 178 -19.98 13.86 -17.43
N ARG A 179 -19.20 14.40 -18.36
CA ARG A 179 -19.45 15.72 -18.97
C ARG A 179 -20.74 15.73 -19.81
N ASP A 180 -21.03 14.59 -20.43
CA ASP A 180 -22.26 14.42 -21.19
C ASP A 180 -23.46 14.37 -20.25
N LEU A 181 -23.30 13.68 -19.12
CA LEU A 181 -24.34 13.57 -18.12
C LEU A 181 -24.63 14.91 -17.45
N THR A 182 -23.60 15.74 -17.28
CA THR A 182 -23.81 17.12 -16.79
C THR A 182 -24.57 17.95 -17.84
N ASP A 183 -24.19 17.82 -19.10
CA ASP A 183 -24.88 18.52 -20.20
C ASP A 183 -26.32 18.09 -20.36
N TYR A 184 -26.56 16.79 -20.18
CA TYR A 184 -27.90 16.24 -20.23
C TYR A 184 -28.74 16.68 -19.03
N LEU A 185 -28.15 16.66 -17.84
CA LEU A 185 -28.85 17.19 -16.65
C LEU A 185 -29.16 18.70 -16.77
N MET A 186 -28.28 19.46 -17.44
CA MET A 186 -28.58 20.86 -17.77
C MET A 186 -29.81 20.98 -18.65
N LYS A 187 -29.86 20.10 -19.66
CA LYS A 187 -30.96 20.07 -20.64
C LYS A 187 -32.33 19.81 -20.01
N ILE A 188 -32.39 18.91 -19.02
CA ILE A 188 -33.68 18.48 -18.42
C ILE A 188 -34.15 19.29 -17.21
N LEU A 189 -33.24 20.05 -16.58
CA LEU A 189 -33.67 21.03 -15.59
C LEU A 189 -34.40 22.24 -16.22
N THR A 190 -34.27 22.40 -17.54
CA THR A 190 -35.05 23.39 -18.30
C THR A 190 -36.53 23.03 -18.39
N GLU A 191 -36.85 21.73 -18.42
CA GLU A 191 -38.26 21.26 -18.35
C GLU A 191 -38.94 21.78 -17.09
N ARG A 192 -38.19 21.78 -16.00
CA ARG A 192 -38.68 22.14 -14.67
C ARG A 192 -38.88 23.65 -14.51
N GLY A 193 -38.26 24.46 -15.38
CA GLY A 193 -38.33 25.92 -15.32
C GLY A 193 -36.98 26.63 -15.22
N TYR A 194 -35.97 25.95 -14.66
CA TYR A 194 -34.68 26.59 -14.35
C TYR A 194 -33.83 26.71 -15.62
N SER A 195 -32.70 27.40 -15.52
CA SER A 195 -31.90 27.77 -16.69
C SER A 195 -30.39 27.74 -16.43
N PHE A 196 -29.72 26.72 -16.97
CA PHE A 196 -28.27 26.57 -16.90
C PHE A 196 -27.74 26.41 -18.31
N VAL A 197 -26.90 27.36 -18.76
CA VAL A 197 -26.27 27.32 -20.11
C VAL A 197 -24.77 27.64 -20.19
N THR A 198 -24.29 28.59 -19.40
CA THR A 198 -22.87 29.00 -19.45
C THR A 198 -21.93 27.92 -18.91
N THR A 199 -20.63 28.08 -19.17
CA THR A 199 -19.56 27.25 -18.57
C THR A 199 -19.75 27.16 -17.04
N ALA A 200 -20.00 28.33 -16.43
CA ALA A 200 -20.12 28.47 -14.98
C ALA A 200 -21.38 27.80 -14.43
N GLU A 201 -22.47 27.95 -15.13
CA GLU A 201 -23.73 27.32 -14.75
C GLU A 201 -23.62 25.79 -14.89
N ARG A 202 -22.89 25.34 -15.92
CA ARG A 202 -22.59 23.93 -16.11
C ARG A 202 -21.86 23.29 -14.91
N GLU A 203 -20.90 24.02 -14.35
CA GLU A 203 -20.18 23.58 -13.15
C GLU A 203 -21.10 23.41 -11.96
N ILE A 204 -22.04 24.33 -11.80
CA ILE A 204 -23.05 24.21 -10.75
C ILE A 204 -23.86 22.92 -10.96
N VAL A 205 -24.26 22.65 -12.20
CA VAL A 205 -25.01 21.44 -12.53
C VAL A 205 -24.14 20.20 -12.32
N ARG A 206 -22.84 20.29 -12.60
CA ARG A 206 -21.93 19.19 -12.22
C ARG A 206 -22.03 18.87 -10.73
N ASP A 207 -22.03 19.90 -9.88
CA ASP A 207 -22.15 19.70 -8.43
C ASP A 207 -23.53 19.14 -8.01
N ILE A 208 -24.60 19.54 -8.68
CA ILE A 208 -25.92 18.96 -8.43
C ILE A 208 -25.93 17.46 -8.78
N LYS A 209 -25.38 17.15 -9.95
CA LYS A 209 -25.21 15.77 -10.41
C LYS A 209 -24.52 14.94 -9.36
N GLU A 210 -23.36 15.42 -8.90
CA GLU A 210 -22.53 14.69 -7.95
C GLU A 210 -23.17 14.47 -6.57
N LYS A 211 -23.93 15.44 -6.08
CA LYS A 211 -24.51 15.34 -4.75
C LYS A 211 -25.80 14.54 -4.74
N LEU A 212 -26.70 14.82 -5.68
CA LEU A 212 -28.09 14.33 -5.59
C LEU A 212 -28.53 13.31 -6.64
N CYS A 213 -27.71 13.00 -7.63
CA CYS A 213 -28.08 11.94 -8.59
C CYS A 213 -27.82 10.54 -8.04
N TYR A 214 -28.52 9.57 -8.62
CA TYR A 214 -28.29 8.14 -8.31
C TYR A 214 -28.91 7.28 -9.38
N VAL A 215 -28.48 6.02 -9.44
CA VAL A 215 -28.99 5.08 -10.40
C VAL A 215 -30.12 4.30 -9.75
N ALA A 216 -31.30 4.37 -10.36
CA ALA A 216 -32.45 3.63 -9.90
C ALA A 216 -32.17 2.15 -10.11
N LEU A 217 -32.69 1.30 -9.23
CA LEU A 217 -32.55 -0.15 -9.40
C LEU A 217 -33.46 -0.63 -10.55
N ASP A 218 -34.67 -0.10 -10.60
CA ASP A 218 -35.61 -0.32 -11.72
C ASP A 218 -36.16 1.03 -12.11
N PHE A 219 -35.93 1.39 -13.37
CA PHE A 219 -36.14 2.74 -13.85
C PHE A 219 -37.63 3.06 -13.88
N GLU A 220 -38.42 2.12 -14.36
CA GLU A 220 -39.86 2.33 -14.47
C GLU A 220 -40.57 2.38 -13.11
N ASN A 221 -40.16 1.51 -12.18
CA ASN A 221 -40.65 1.59 -10.78
C ASN A 221 -40.29 2.91 -10.11
N GLU A 222 -39.11 3.45 -10.44
CA GLU A 222 -38.67 4.73 -9.87
C GLU A 222 -39.44 5.91 -10.48
N MET A 223 -39.70 5.88 -11.78
CA MET A 223 -40.54 6.90 -12.44
C MET A 223 -41.98 6.93 -11.90
N ALA A 224 -42.52 5.77 -11.52
CA ALA A 224 -43.82 5.69 -10.85
C ALA A 224 -43.78 6.36 -9.49
N THR A 225 -42.83 5.95 -8.65
CA THR A 225 -42.69 6.48 -7.29
C THR A 225 -42.44 7.99 -7.23
N ALA A 226 -41.68 8.53 -8.20
CA ALA A 226 -41.40 9.98 -8.29
C ALA A 226 -42.62 10.81 -8.70
N ALA A 227 -43.31 10.36 -9.75
CA ALA A 227 -44.51 11.04 -10.25
C ALA A 227 -45.82 10.70 -9.49
N SER A 228 -45.76 9.83 -8.47
CA SER A 228 -46.90 9.59 -7.54
C SER A 228 -46.87 10.44 -6.26
N SER A 229 -45.70 11.02 -5.94
CA SER A 229 -45.48 11.67 -4.65
C SER A 229 -44.28 12.65 -4.74
N SER A 230 -43.73 13.07 -3.59
CA SER A 230 -42.52 13.89 -3.57
C SER A 230 -41.45 13.34 -2.60
N SER A 231 -41.53 12.06 -2.24
CA SER A 231 -40.54 11.45 -1.34
C SER A 231 -39.18 11.17 -2.00
N LEU A 232 -39.09 11.28 -3.32
CA LEU A 232 -37.81 11.22 -4.05
C LEU A 232 -37.31 12.58 -4.54
N GLU A 233 -37.95 13.67 -4.10
CA GLU A 233 -37.52 15.03 -4.41
C GLU A 233 -36.51 15.51 -3.38
N LYS A 234 -35.47 16.19 -3.85
CA LYS A 234 -34.48 16.83 -2.99
C LYS A 234 -34.37 18.30 -3.37
N SER A 235 -33.98 19.13 -2.38
CA SER A 235 -33.70 20.54 -2.62
C SER A 235 -32.20 20.80 -2.76
N TYR A 236 -31.86 21.89 -3.43
CA TYR A 236 -30.47 22.32 -3.64
C TYR A 236 -30.42 23.85 -3.81
N GLU A 237 -29.35 24.45 -3.31
CA GLU A 237 -29.22 25.89 -3.19
C GLU A 237 -28.15 26.37 -4.18
N LEU A 238 -28.51 27.30 -5.05
CA LEU A 238 -27.58 27.83 -6.04
C LEU A 238 -26.66 28.86 -5.37
N PRO A 239 -25.44 29.08 -5.91
CA PRO A 239 -24.53 30.09 -5.35
C PRO A 239 -25.13 31.49 -5.16
N ASP A 240 -26.11 31.87 -5.98
CA ASP A 240 -26.84 33.13 -5.81
C ASP A 240 -27.77 33.13 -4.58
N GLY A 241 -28.42 32.01 -4.29
CA GLY A 241 -29.34 31.89 -3.15
C GLY A 241 -30.66 31.20 -3.41
N GLN A 242 -31.07 31.11 -4.68
CA GLN A 242 -32.31 30.40 -5.07
C GLN A 242 -32.26 28.90 -4.71
N VAL A 243 -33.30 28.44 -4.01
CA VAL A 243 -33.46 27.05 -3.60
C VAL A 243 -34.31 26.35 -4.67
N ILE A 244 -33.71 25.38 -5.37
CA ILE A 244 -34.41 24.59 -6.39
C ILE A 244 -34.74 23.17 -5.90
N THR A 245 -35.73 22.57 -6.54
CA THR A 245 -36.20 21.22 -6.20
C THR A 245 -36.07 20.35 -7.44
N ILE A 246 -35.48 19.16 -7.28
CA ILE A 246 -35.38 18.18 -8.38
C ILE A 246 -35.94 16.83 -7.95
N GLY A 247 -36.57 16.14 -8.90
CA GLY A 247 -37.21 14.86 -8.65
C GLY A 247 -36.56 13.78 -9.49
N ASN A 248 -37.23 13.39 -10.56
CA ASN A 248 -36.78 12.27 -11.40
C ASN A 248 -35.52 12.56 -12.23
N GLU A 249 -35.14 13.84 -12.31
CA GLU A 249 -33.84 14.23 -12.88
C GLU A 249 -32.68 13.55 -12.14
N ARG A 250 -32.85 13.33 -10.83
CA ARG A 250 -31.88 12.59 -10.01
C ARG A 250 -31.41 11.26 -10.62
N PHE A 251 -32.37 10.46 -11.10
CA PHE A 251 -32.04 9.16 -11.69
C PHE A 251 -32.18 9.08 -13.21
N ARG A 252 -32.89 10.02 -13.84
CA ARG A 252 -32.94 10.07 -15.31
C ARG A 252 -31.60 10.43 -15.93
N CYS A 253 -30.83 11.26 -15.23
CA CYS A 253 -29.53 11.67 -15.71
C CYS A 253 -28.56 10.48 -15.89
N PRO A 254 -28.24 9.74 -14.81
CA PRO A 254 -27.36 8.58 -14.99
C PRO A 254 -27.99 7.35 -15.68
N GLU A 255 -29.32 7.32 -15.84
CA GLU A 255 -29.98 6.30 -16.67
C GLU A 255 -29.43 6.32 -18.12
N THR A 256 -28.94 7.50 -18.54
CA THR A 256 -28.24 7.66 -19.81
C THR A 256 -27.12 6.62 -20.05
N LEU A 257 -26.36 6.27 -19.00
CA LEU A 257 -25.33 5.23 -19.09
C LEU A 257 -25.88 3.87 -19.55
N PHE A 258 -27.04 3.50 -19.00
CA PHE A 258 -27.74 2.26 -19.34
C PHE A 258 -28.67 2.40 -20.54
N GLN A 259 -29.06 3.64 -20.90
CA GLN A 259 -29.89 3.93 -22.07
C GLN A 259 -29.35 5.16 -22.83
N PRO A 260 -28.29 5.00 -23.66
CA PRO A 260 -27.70 6.16 -24.37
C PRO A 260 -28.59 6.88 -25.39
N SER A 261 -29.73 6.30 -25.77
CA SER A 261 -30.70 7.00 -26.62
C SER A 261 -31.34 8.22 -25.92
N PHE A 262 -31.22 8.31 -24.60
CA PHE A 262 -31.59 9.52 -23.85
C PHE A 262 -30.89 10.79 -24.33
N ILE A 263 -29.66 10.69 -24.83
CA ILE A 263 -28.98 11.84 -25.46
C ILE A 263 -28.77 11.68 -26.97
N GLY A 264 -29.69 10.95 -27.62
CA GLY A 264 -29.63 10.69 -29.06
C GLY A 264 -28.51 9.80 -29.56
N MET A 265 -27.88 9.03 -28.68
CA MET A 265 -26.77 8.18 -29.06
C MET A 265 -27.26 6.76 -29.35
N GLU A 266 -26.57 6.08 -30.27
CA GLU A 266 -27.03 4.80 -30.80
C GLU A 266 -26.57 3.56 -30.01
N SER A 267 -25.47 3.69 -29.29
CA SER A 267 -24.88 2.59 -28.53
C SER A 267 -25.85 1.90 -27.53
N ALA A 268 -25.61 0.62 -27.31
CA ALA A 268 -26.20 -0.07 -26.18
C ALA A 268 -25.55 0.44 -24.90
N GLY A 269 -26.23 0.21 -23.79
CA GLY A 269 -25.79 0.70 -22.48
C GLY A 269 -24.60 -0.04 -21.90
N ILE A 270 -23.97 0.58 -20.92
CA ILE A 270 -22.79 0.00 -20.25
C ILE A 270 -22.93 -1.48 -19.83
N HIS A 271 -24.11 -1.87 -19.37
CA HIS A 271 -24.41 -3.28 -19.01
C HIS A 271 -24.28 -4.26 -20.17
N GLU A 272 -24.78 -3.86 -21.33
CA GLU A 272 -24.75 -4.69 -22.51
C GLU A 272 -23.36 -4.65 -23.17
N THR A 273 -22.68 -3.51 -23.09
CA THR A 273 -21.29 -3.45 -23.60
C THR A 273 -20.34 -4.30 -22.74
N THR A 274 -20.64 -4.43 -21.45
CA THR A 274 -19.94 -5.36 -20.57
C THR A 274 -20.11 -6.81 -21.06
N TYR A 275 -21.37 -7.21 -21.23
CA TYR A 275 -21.70 -8.51 -21.83
C TYR A 275 -20.99 -8.69 -23.16
N ASN A 276 -21.15 -7.73 -24.07
CA ASN A 276 -20.53 -7.80 -25.39
C ASN A 276 -19.02 -8.07 -25.30
N SER A 277 -18.35 -7.36 -24.39
CA SER A 277 -16.92 -7.48 -24.22
C SER A 277 -16.55 -8.85 -23.65
N ILE A 278 -17.30 -9.29 -22.64
CA ILE A 278 -17.11 -10.63 -22.09
C ILE A 278 -17.26 -11.67 -23.21
N MET A 279 -18.28 -11.51 -24.06
CA MET A 279 -18.56 -12.50 -25.09
C MET A 279 -17.53 -12.50 -26.21
N LYS A 280 -16.87 -11.36 -26.46
CA LYS A 280 -15.73 -11.34 -27.41
C LYS A 280 -14.52 -12.13 -26.92
N CYS A 281 -14.45 -12.42 -25.61
CA CYS A 281 -13.42 -13.28 -25.05
C CYS A 281 -13.78 -14.77 -25.07
N ASP A 282 -12.73 -15.58 -24.92
CA ASP A 282 -12.84 -17.03 -24.88
C ASP A 282 -13.66 -17.45 -23.68
N ILE A 283 -14.54 -18.43 -23.90
CA ILE A 283 -15.36 -19.02 -22.84
C ILE A 283 -14.54 -19.47 -21.61
N ASP A 284 -13.33 -19.98 -21.81
CA ASP A 284 -12.50 -20.46 -20.71
C ASP A 284 -12.07 -19.44 -19.65
N ILE A 285 -12.19 -18.13 -19.92
CA ILE A 285 -11.98 -17.12 -18.87
C ILE A 285 -13.24 -16.33 -18.50
N ARG A 286 -14.40 -16.74 -19.01
CA ARG A 286 -15.64 -16.01 -18.75
C ARG A 286 -16.13 -16.03 -17.31
N LYS A 287 -16.06 -17.19 -16.65
CA LYS A 287 -16.32 -17.28 -15.20
C LYS A 287 -15.48 -16.25 -14.43
N ASP A 288 -14.18 -16.18 -14.74
CA ASP A 288 -13.29 -15.21 -14.09
C ASP A 288 -13.72 -13.78 -14.41
N LEU A 289 -14.14 -13.51 -15.65
CA LEU A 289 -14.55 -12.16 -16.02
C LEU A 289 -15.81 -11.72 -15.27
N TYR A 290 -16.82 -12.59 -15.25
CA TYR A 290 -18.08 -12.30 -14.57
C TYR A 290 -17.93 -12.11 -13.07
N ALA A 291 -17.03 -12.87 -12.44
CA ALA A 291 -16.78 -12.80 -11.01
C ALA A 291 -15.82 -11.65 -10.60
N ASN A 292 -15.27 -10.91 -11.57
CA ASN A 292 -14.28 -9.87 -11.29
C ASN A 292 -14.54 -8.64 -12.12
N ASN A 293 -15.71 -8.07 -11.89
CA ASN A 293 -16.19 -6.88 -12.56
C ASN A 293 -15.91 -5.65 -11.68
N VAL A 294 -14.91 -4.87 -12.05
CA VAL A 294 -14.40 -3.78 -11.21
C VAL A 294 -14.83 -2.46 -11.85
N MET A 295 -15.50 -1.61 -11.08
CA MET A 295 -15.81 -0.28 -11.57
C MET A 295 -14.73 0.72 -11.10
N SER A 296 -14.26 1.54 -12.03
CA SER A 296 -13.37 2.65 -11.68
C SER A 296 -13.79 3.92 -12.41
N GLY A 297 -13.35 5.07 -11.87
CA GLY A 297 -13.63 6.38 -12.43
C GLY A 297 -14.74 7.10 -11.70
N GLY A 298 -14.74 8.43 -11.82
CA GLY A 298 -15.69 9.29 -11.08
C GLY A 298 -17.15 9.07 -11.44
N THR A 299 -17.40 8.78 -12.71
CA THR A 299 -18.77 8.55 -13.21
C THR A 299 -19.37 7.23 -12.66
N THR A 300 -18.56 6.31 -12.15
CA THR A 300 -19.09 5.13 -11.44
C THR A 300 -19.42 5.35 -9.94
N MET A 301 -19.41 6.59 -9.48
CA MET A 301 -19.68 6.87 -8.07
C MET A 301 -21.16 7.01 -7.69
N TYR A 302 -22.07 7.05 -8.68
CA TYR A 302 -23.49 7.17 -8.37
C TYR A 302 -23.91 6.07 -7.38
N PRO A 303 -24.59 6.44 -6.29
CA PRO A 303 -25.20 5.39 -5.45
C PRO A 303 -26.13 4.49 -6.29
N GLY A 304 -26.16 3.20 -5.94
CA GLY A 304 -27.03 2.23 -6.62
C GLY A 304 -26.52 1.61 -7.93
N ILE A 305 -25.40 2.09 -8.47
CA ILE A 305 -24.89 1.64 -9.78
C ILE A 305 -24.30 0.21 -9.75
N ALA A 306 -23.69 -0.19 -8.63
CA ALA A 306 -23.20 -1.56 -8.47
C ALA A 306 -24.34 -2.54 -8.45
N ASP A 307 -25.38 -2.22 -7.69
CA ASP A 307 -26.54 -3.06 -7.56
C ASP A 307 -27.34 -3.12 -8.87
N ARG A 308 -27.45 -1.98 -9.55
CA ARG A 308 -28.09 -1.95 -10.87
C ARG A 308 -27.31 -2.78 -11.89
N MET A 309 -25.99 -2.66 -11.89
CA MET A 309 -25.17 -3.40 -12.83
C MET A 309 -25.21 -4.91 -12.52
N GLN A 310 -25.15 -5.26 -11.23
CA GLN A 310 -25.34 -6.65 -10.77
C GLN A 310 -26.64 -7.27 -11.33
N LYS A 311 -27.74 -6.54 -11.23
CA LYS A 311 -29.04 -7.03 -11.72
C LYS A 311 -29.01 -7.24 -13.22
N GLU A 312 -28.52 -6.24 -13.95
CA GLU A 312 -28.61 -6.22 -15.41
C GLU A 312 -27.75 -7.26 -16.09
N ILE A 313 -26.55 -7.49 -15.54
CA ILE A 313 -25.63 -8.50 -16.06
C ILE A 313 -26.13 -9.91 -15.74
N THR A 314 -26.69 -10.08 -14.54
CA THR A 314 -27.37 -11.32 -14.17
C THR A 314 -28.49 -11.71 -15.14
N ALA A 315 -29.24 -10.73 -15.65
CA ALA A 315 -30.32 -11.05 -16.63
C ALA A 315 -29.76 -11.47 -18.00
N LEU A 316 -28.59 -10.96 -18.38
CA LEU A 316 -27.93 -11.28 -19.65
C LEU A 316 -27.06 -12.53 -19.61
N ALA A 317 -26.45 -12.83 -18.45
CA ALA A 317 -25.53 -13.96 -18.29
C ALA A 317 -26.25 -15.31 -18.24
N PRO A 318 -25.50 -16.43 -18.42
CA PRO A 318 -26.15 -17.73 -18.15
C PRO A 318 -26.65 -17.77 -16.71
N SER A 319 -27.78 -18.43 -16.52
CA SER A 319 -28.61 -18.26 -15.33
C SER A 319 -27.93 -18.61 -13.99
N THR A 320 -26.95 -19.53 -14.04
CA THR A 320 -26.17 -19.92 -12.86
C THR A 320 -24.74 -19.33 -12.82
N MET A 321 -24.46 -18.31 -13.64
CA MET A 321 -23.15 -17.68 -13.64
C MET A 321 -23.00 -16.83 -12.38
N LYS A 322 -21.82 -16.90 -11.78
CA LYS A 322 -21.50 -16.17 -10.57
C LYS A 322 -20.99 -14.79 -10.98
N ILE A 323 -21.68 -13.76 -10.50
CA ILE A 323 -21.45 -12.39 -10.88
C ILE A 323 -21.17 -11.58 -9.63
N LYS A 324 -20.14 -10.77 -9.70
CA LYS A 324 -19.72 -9.95 -8.58
C LYS A 324 -19.22 -8.61 -9.15
N ILE A 325 -19.77 -7.52 -8.64
CA ILE A 325 -19.36 -6.18 -8.99
C ILE A 325 -18.53 -5.67 -7.83
N ILE A 326 -17.33 -5.20 -8.12
CA ILE A 326 -16.42 -4.67 -7.10
C ILE A 326 -16.34 -3.18 -7.30
N ALA A 327 -16.96 -2.42 -6.40
CA ALA A 327 -16.97 -0.96 -6.42
C ALA A 327 -16.24 -0.39 -5.19
N PRO A 328 -14.90 -0.22 -5.28
CA PRO A 328 -14.18 0.28 -4.09
C PRO A 328 -14.49 1.76 -3.82
N PRO A 329 -14.61 2.13 -2.53
CA PRO A 329 -14.82 3.54 -2.11
C PRO A 329 -13.87 4.54 -2.77
N GLU A 330 -12.62 4.15 -2.93
CA GLU A 330 -11.57 5.01 -3.47
C GLU A 330 -11.49 5.10 -5.01
N ARG A 331 -12.54 4.66 -5.71
CA ARG A 331 -12.47 4.43 -7.16
C ARG A 331 -12.43 5.66 -8.06
N LYS A 332 -12.70 6.85 -7.53
CA LYS A 332 -12.29 8.09 -8.23
C LYS A 332 -10.78 8.12 -8.53
N TYR A 333 -9.97 7.41 -7.73
CA TYR A 333 -8.51 7.47 -7.84
C TYR A 333 -7.81 6.12 -8.06
N SER A 334 -8.60 5.08 -8.31
CA SER A 334 -8.09 3.71 -8.50
C SER A 334 -6.99 3.64 -9.52
N VAL A 335 -7.13 4.39 -10.59
CA VAL A 335 -6.11 4.40 -11.65
C VAL A 335 -4.80 4.92 -11.07
N TRP A 336 -4.86 6.05 -10.38
CA TRP A 336 -3.65 6.60 -9.77
C TRP A 336 -3.05 5.60 -8.76
N ILE A 337 -3.92 5.04 -7.92
CA ILE A 337 -3.51 4.08 -6.89
C ILE A 337 -2.80 2.86 -7.50
N GLY A 338 -3.36 2.35 -8.59
CA GLY A 338 -2.73 1.25 -9.32
C GLY A 338 -1.32 1.56 -9.79
N GLY A 339 -1.13 2.79 -10.27
CA GLY A 339 0.15 3.24 -10.73
C GLY A 339 1.13 3.40 -9.57
N SER A 340 0.65 3.93 -8.45
CA SER A 340 1.45 4.05 -7.22
C SER A 340 1.98 2.72 -6.73
N ILE A 341 1.13 1.70 -6.74
CA ILE A 341 1.50 0.38 -6.27
C ILE A 341 2.45 -0.26 -7.29
N LEU A 342 2.07 -0.22 -8.58
CA LEU A 342 2.92 -0.77 -9.62
C LEU A 342 4.34 -0.20 -9.56
N ALA A 343 4.43 1.13 -9.51
CA ALA A 343 5.70 1.83 -9.70
C ALA A 343 6.64 1.73 -8.51
N SER A 344 6.09 1.51 -7.32
CA SER A 344 6.88 1.45 -6.08
C SER A 344 7.28 0.03 -5.72
N LEU A 345 6.82 -0.93 -6.52
CA LEU A 345 7.12 -2.32 -6.30
C LEU A 345 8.59 -2.58 -6.61
N SER A 346 9.21 -3.51 -5.88
CA SER A 346 10.64 -3.81 -6.05
C SER A 346 10.89 -4.52 -7.38
N THR A 347 9.97 -5.41 -7.74
CA THR A 347 10.04 -6.23 -8.94
C THR A 347 9.81 -5.48 -10.26
N PHE A 348 9.26 -4.26 -10.18
CA PHE A 348 8.98 -3.43 -11.36
C PHE A 348 10.20 -2.66 -11.85
N GLN A 349 11.31 -2.63 -11.10
CA GLN A 349 12.41 -1.72 -11.43
C GLN A 349 13.25 -2.14 -12.67
N GLN A 350 12.95 -3.29 -13.26
CA GLN A 350 13.52 -3.72 -14.54
C GLN A 350 12.64 -3.29 -15.75
N MET A 351 11.43 -2.81 -15.47
CA MET A 351 10.39 -2.60 -16.47
C MET A 351 10.43 -1.21 -17.09
N TRP A 352 11.11 -0.29 -16.41
CA TRP A 352 11.19 1.09 -16.85
C TRP A 352 11.93 1.19 -18.18
N ILE A 353 11.41 2.01 -19.09
CA ILE A 353 12.21 2.45 -20.24
C ILE A 353 13.26 3.42 -19.67
N THR A 354 14.54 3.07 -19.78
CA THR A 354 15.61 3.94 -19.32
C THR A 354 15.96 4.92 -20.44
N LYS A 355 16.63 6.02 -20.07
CA LYS A 355 17.12 6.97 -21.07
C LYS A 355 18.18 6.38 -21.98
N GLN A 356 18.98 5.43 -21.48
CA GLN A 356 19.91 4.70 -22.34
C GLN A 356 19.18 3.89 -23.43
N GLU A 357 18.11 3.22 -23.04
CA GLU A 357 17.25 2.52 -24.00
C GLU A 357 16.60 3.46 -25.02
N TYR A 358 16.12 4.63 -24.58
CA TYR A 358 15.49 5.60 -25.49
C TYR A 358 16.48 6.17 -26.53
N ASP A 359 17.68 6.51 -26.09
CA ASP A 359 18.74 7.03 -26.96
C ASP A 359 19.13 6.05 -28.08
N GLU A 360 19.08 4.76 -27.76
CA GLU A 360 19.31 3.71 -28.74
C GLU A 360 18.19 3.61 -29.78
N ALA A 361 17.00 3.31 -29.30
CA ALA A 361 15.88 2.89 -30.15
C ALA A 361 14.91 4.01 -30.53
N GLY A 362 15.09 5.23 -30.00
CA GLY A 362 14.12 6.31 -30.23
C GLY A 362 12.74 6.04 -29.63
N PRO A 363 11.76 6.92 -29.92
CA PRO A 363 10.41 6.84 -29.33
C PRO A 363 9.68 5.49 -29.48
N SER A 364 9.97 4.74 -30.53
CA SER A 364 9.31 3.45 -30.77
C SER A 364 9.64 2.38 -29.73
N ILE A 365 10.63 2.62 -28.87
CA ILE A 365 10.90 1.74 -27.71
C ILE A 365 9.66 1.44 -26.87
N VAL A 366 8.78 2.43 -26.72
CA VAL A 366 7.59 2.29 -25.89
C VAL A 366 6.73 1.06 -26.29
N HIS A 367 6.68 0.77 -27.60
CA HIS A 367 5.92 -0.40 -28.10
C HIS A 367 6.51 -1.71 -27.62
N ARG A 368 7.84 -1.73 -27.52
CA ARG A 368 8.58 -2.90 -27.07
C ARG A 368 8.31 -3.18 -25.59
N LYS A 369 8.31 -2.11 -24.76
CA LYS A 369 8.35 -2.22 -23.29
C LYS A 369 7.06 -1.93 -22.54
N CYS A 370 6.09 -1.28 -23.18
CA CYS A 370 4.83 -0.90 -22.57
C CYS A 370 3.67 -1.33 -23.44
N PHE A 371 2.90 -2.31 -22.98
CA PHE A 371 1.79 -2.88 -23.77
C PHE A 371 0.40 -2.29 -23.43
N MET B 3 15.21 -26.78 -43.98
CA MET B 3 15.29 -26.66 -45.49
C MET B 3 16.72 -26.28 -45.91
N SER B 4 17.23 -25.12 -45.46
CA SER B 4 18.64 -24.73 -45.70
C SER B 4 19.43 -24.56 -44.40
N GLU B 5 20.74 -24.40 -44.55
CA GLU B 5 21.63 -24.17 -43.41
C GLU B 5 21.39 -22.79 -42.79
N LYS B 6 20.95 -21.82 -43.59
CA LYS B 6 20.66 -20.47 -43.04
C LYS B 6 19.39 -20.45 -42.19
N ILE B 7 18.42 -21.28 -42.54
CA ILE B 7 17.21 -21.43 -41.72
C ILE B 7 17.57 -22.08 -40.38
N GLU B 8 18.32 -23.19 -40.43
CA GLU B 8 18.75 -23.85 -39.20
C GLU B 8 19.58 -22.92 -38.33
N GLY B 9 20.45 -22.12 -38.96
CA GLY B 9 21.19 -21.05 -38.30
C GLY B 9 20.33 -20.00 -37.62
N ILE B 10 19.19 -19.66 -38.22
CA ILE B 10 18.20 -18.78 -37.59
C ILE B 10 17.56 -19.44 -36.38
N ILE B 11 17.20 -20.71 -36.51
CA ILE B 11 16.64 -21.47 -35.38
C ILE B 11 17.66 -21.62 -34.24
N ASP B 12 18.89 -21.98 -34.60
CA ASP B 12 19.94 -22.16 -33.60
C ASP B 12 20.18 -20.84 -32.87
N ASP B 13 20.30 -19.75 -33.63
CA ASP B 13 20.50 -18.42 -33.05
C ASP B 13 19.35 -18.03 -32.11
N LEU B 14 18.10 -18.27 -32.53
CA LEU B 14 16.95 -17.90 -31.70
C LEU B 14 16.97 -18.64 -30.36
N LEU B 15 17.14 -19.96 -30.41
CA LEU B 15 17.24 -20.77 -29.20
C LEU B 15 18.47 -20.44 -28.32
N ASN B 16 19.56 -19.97 -28.94
CA ASN B 16 20.72 -19.52 -28.16
C ASN B 16 20.46 -18.21 -27.44
N VAL B 17 19.80 -17.27 -28.11
CA VAL B 17 19.56 -15.93 -27.54
C VAL B 17 18.36 -15.90 -26.57
N GLU B 18 17.36 -16.74 -26.79
CA GLU B 18 16.19 -16.80 -25.92
C GLU B 18 16.07 -18.17 -25.25
N GLU B 19 16.64 -18.26 -24.04
CA GLU B 19 16.69 -19.53 -23.31
C GLU B 19 15.32 -20.04 -22.80
N ASN B 20 14.31 -19.18 -22.79
CA ASN B 20 12.93 -19.60 -22.48
C ASN B 20 12.15 -20.08 -23.70
N ALA B 21 12.77 -20.07 -24.87
CA ALA B 21 12.17 -20.67 -26.06
C ALA B 21 12.47 -22.16 -26.03
N ASP B 22 11.43 -22.96 -25.88
CA ASP B 22 11.56 -24.40 -25.69
C ASP B 22 11.49 -25.22 -26.99
N ALA B 23 10.75 -24.72 -27.98
CA ALA B 23 10.55 -25.44 -29.25
C ALA B 23 10.24 -24.46 -30.35
N ILE B 24 10.65 -24.78 -31.57
CA ILE B 24 10.45 -23.91 -32.73
C ILE B 24 9.87 -24.73 -33.88
N ALA B 25 8.98 -24.09 -34.66
CA ALA B 25 8.50 -24.60 -35.94
C ALA B 25 8.34 -23.43 -36.94
N ILE B 26 8.74 -23.67 -38.19
CA ILE B 26 8.65 -22.70 -39.28
C ILE B 26 7.67 -23.24 -40.32
N ILE B 27 6.70 -22.42 -40.73
CA ILE B 27 5.71 -22.80 -41.70
C ILE B 27 5.95 -22.02 -43.00
N GLY B 28 5.93 -22.73 -44.11
CA GLY B 28 6.25 -22.16 -45.41
C GLY B 28 5.10 -21.38 -45.98
N LYS B 29 5.40 -20.68 -47.07
CA LYS B 29 4.39 -19.96 -47.86
C LYS B 29 3.20 -20.85 -48.27
N ASP B 30 3.48 -22.14 -48.57
CA ASP B 30 2.45 -23.11 -48.99
C ASP B 30 1.64 -23.76 -47.83
N GLY B 31 1.87 -23.31 -46.59
CA GLY B 31 1.16 -23.84 -45.42
C GLY B 31 1.78 -25.08 -44.80
N GLN B 32 2.93 -25.52 -45.31
CA GLN B 32 3.55 -26.77 -44.86
C GLN B 32 4.74 -26.51 -43.94
N ILE B 33 5.19 -27.56 -43.24
CA ILE B 33 6.31 -27.43 -42.30
C ILE B 33 7.60 -27.43 -43.09
N VAL B 34 8.34 -26.34 -42.97
CA VAL B 34 9.68 -26.19 -43.53
C VAL B 34 10.66 -27.01 -42.68
N THR B 35 10.61 -26.76 -41.38
CA THR B 35 11.40 -27.53 -40.42
C THR B 35 10.80 -27.26 -39.04
N GLN B 36 11.17 -28.09 -38.07
CA GLN B 36 10.79 -27.88 -36.68
C GLN B 36 11.71 -28.68 -35.79
N THR B 37 11.87 -28.25 -34.54
CA THR B 37 12.74 -28.95 -33.60
C THR B 37 12.19 -30.34 -33.25
N GLU B 38 13.10 -31.25 -32.92
CA GLU B 38 12.79 -32.67 -32.74
C GLU B 38 11.90 -32.99 -31.53
N ASN B 39 11.78 -32.04 -30.58
CA ASN B 39 11.03 -32.25 -29.33
C ASN B 39 9.51 -32.04 -29.43
N TRP B 40 9.04 -31.63 -30.60
CA TRP B 40 7.60 -31.56 -30.85
C TRP B 40 7.30 -31.76 -32.35
N ASN B 41 6.03 -32.01 -32.66
CA ASN B 41 5.56 -32.17 -34.05
C ASN B 41 4.20 -31.50 -34.16
N VAL B 42 4.12 -30.43 -34.95
CA VAL B 42 2.87 -29.66 -35.15
C VAL B 42 2.02 -30.15 -36.33
N SER B 43 2.43 -31.25 -36.95
CA SER B 43 1.76 -31.84 -38.14
C SER B 43 0.25 -31.90 -38.08
N ASN B 44 -0.27 -32.54 -37.04
CA ASN B 44 -1.71 -32.76 -36.88
C ASN B 44 -2.48 -31.47 -36.60
N ASP B 45 -1.79 -30.43 -36.12
CA ASP B 45 -2.39 -29.14 -35.81
C ASP B 45 -2.27 -28.06 -36.92
N LEU B 46 -1.61 -28.37 -38.05
CA LEU B 46 -1.42 -27.43 -39.18
C LEU B 46 -2.70 -26.79 -39.70
N GLU B 47 -3.83 -27.48 -39.62
CA GLU B 47 -5.09 -26.94 -40.10
C GLU B 47 -5.57 -25.71 -39.28
N ILE B 48 -5.58 -25.80 -37.95
CA ILE B 48 -5.99 -24.63 -37.12
C ILE B 48 -4.92 -23.53 -37.17
N ILE B 49 -3.65 -23.91 -37.24
CA ILE B 49 -2.57 -22.95 -37.38
C ILE B 49 -2.72 -22.17 -38.68
N ASN B 50 -2.96 -22.87 -39.79
CA ASN B 50 -3.14 -22.21 -41.08
C ASN B 50 -4.47 -21.45 -41.15
N GLU B 51 -5.48 -21.91 -40.40
CA GLU B 51 -6.74 -21.17 -40.22
C GLU B 51 -6.45 -19.79 -39.61
N LEU B 52 -5.75 -19.79 -38.49
CA LEU B 52 -5.37 -18.56 -37.80
C LEU B 52 -4.53 -17.63 -38.69
N LEU B 53 -3.52 -18.18 -39.37
CA LEU B 53 -2.65 -17.40 -40.28
C LEU B 53 -3.36 -16.70 -41.46
N ASN B 54 -4.40 -17.34 -42.00
CA ASN B 54 -5.16 -16.79 -43.12
CA ASN B 54 -5.16 -16.76 -43.13
C ASN B 54 -6.48 -16.08 -42.68
N GLU B 55 -6.67 -15.93 -41.38
CA GLU B 55 -7.86 -15.25 -40.85
C GLU B 55 -7.86 -13.74 -41.18
N LYS B 56 -8.90 -13.28 -41.85
CA LYS B 56 -9.14 -11.85 -42.14
C LYS B 56 -10.60 -11.51 -41.80
N LEU B 57 -10.80 -10.88 -40.65
CA LEU B 57 -12.16 -10.58 -40.15
C LEU B 57 -12.81 -9.40 -40.87
N ALA B 58 -14.10 -9.54 -41.20
CA ALA B 58 -14.97 -8.43 -41.57
C ALA B 58 -15.55 -7.82 -40.28
N LEU B 59 -16.26 -6.70 -40.41
CA LEU B 59 -16.64 -5.88 -39.25
C LEU B 59 -17.23 -6.66 -38.04
N GLY B 60 -18.19 -7.54 -38.32
CA GLY B 60 -18.94 -8.21 -37.25
C GLY B 60 -18.44 -9.58 -36.87
N GLU B 61 -17.47 -10.13 -37.61
CA GLU B 61 -17.02 -11.50 -37.40
C GLU B 61 -16.15 -11.67 -36.15
N LYS B 62 -16.52 -12.62 -35.28
CA LYS B 62 -15.70 -12.99 -34.13
C LYS B 62 -14.56 -13.88 -34.61
N GLY B 63 -13.34 -13.54 -34.19
CA GLY B 63 -12.18 -14.30 -34.59
C GLY B 63 -11.99 -15.52 -33.71
N ILE B 64 -11.08 -16.39 -34.16
CA ILE B 64 -10.61 -17.49 -33.35
C ILE B 64 -10.07 -16.89 -32.04
N THR B 65 -10.56 -17.37 -30.91
CA THR B 65 -10.03 -16.98 -29.58
C THR B 65 -9.15 -18.06 -28.93
N SER B 66 -9.15 -19.26 -29.48
CA SER B 66 -8.45 -20.40 -28.87
C SER B 66 -7.95 -21.33 -29.94
N LEU B 67 -6.80 -21.95 -29.67
CA LEU B 67 -6.15 -22.83 -30.62
C LEU B 67 -5.34 -23.87 -29.83
N SER B 68 -5.32 -25.10 -30.33
CA SER B 68 -4.60 -26.21 -29.71
C SER B 68 -3.45 -26.63 -30.59
N ILE B 69 -2.28 -26.83 -29.97
CA ILE B 69 -1.07 -27.32 -30.64
C ILE B 69 -0.49 -28.40 -29.74
N GLN B 70 -0.08 -29.52 -30.34
CA GLN B 70 0.36 -30.74 -29.64
C GLN B 70 -0.36 -31.03 -28.30
N GLY B 71 -1.69 -30.87 -28.30
CA GLY B 71 -2.51 -31.13 -27.11
C GLY B 71 -2.44 -30.08 -26.01
N ILE B 72 -1.93 -28.90 -26.31
CA ILE B 72 -1.94 -27.79 -25.35
C ILE B 72 -2.87 -26.72 -25.92
N LYS B 73 -3.86 -26.32 -25.11
CA LYS B 73 -4.86 -25.29 -25.47
C LYS B 73 -4.36 -23.87 -25.14
N TYR B 74 -4.27 -23.01 -26.15
CA TYR B 74 -3.76 -21.62 -26.00
C TYR B 74 -4.85 -20.58 -26.27
N MET B 75 -5.15 -19.74 -25.29
CA MET B 75 -6.02 -18.59 -25.50
C MET B 75 -5.27 -17.47 -26.25
N ILE B 76 -5.85 -16.92 -27.32
CA ILE B 76 -5.27 -15.75 -28.02
C ILE B 76 -5.41 -14.47 -27.17
N VAL B 77 -4.28 -13.85 -26.85
CA VAL B 77 -4.22 -12.59 -26.08
C VAL B 77 -3.64 -11.38 -26.85
N GLU B 78 -3.26 -11.59 -28.11
CA GLU B 78 -2.68 -10.55 -28.98
C GLU B 78 -2.74 -11.10 -30.40
N ASN B 79 -3.24 -10.31 -31.35
CA ASN B 79 -3.38 -10.74 -32.74
C ASN B 79 -3.33 -9.56 -33.72
N THR B 80 -2.13 -9.31 -34.25
CA THR B 80 -1.94 -8.43 -35.41
C THR B 80 -1.28 -9.27 -36.50
N GLU B 81 -1.17 -8.67 -37.67
CA GLU B 81 -0.50 -9.29 -38.81
C GLU B 81 0.99 -9.58 -38.54
N GLU B 82 1.59 -8.81 -37.62
CA GLU B 82 3.00 -8.97 -37.24
C GLU B 82 3.22 -10.11 -36.22
N ARG B 83 2.35 -10.20 -35.22
CA ARG B 83 2.50 -11.22 -34.16
C ARG B 83 1.15 -11.63 -33.59
N LYS B 84 1.09 -12.89 -33.16
CA LYS B 84 -0.11 -13.46 -32.54
C LYS B 84 0.36 -14.27 -31.35
N ILE B 85 -0.27 -14.05 -30.20
CA ILE B 85 0.18 -14.67 -28.97
C ILE B 85 -0.91 -15.54 -28.41
N GLY B 86 -0.55 -16.78 -28.10
CA GLY B 86 -1.42 -17.71 -27.41
C GLY B 86 -0.81 -18.07 -26.07
N THR B 87 -1.65 -18.17 -25.04
CA THR B 87 -1.16 -18.51 -23.71
C THR B 87 -2.10 -19.52 -23.08
N ASN B 88 -1.52 -20.59 -22.55
CA ASN B 88 -2.27 -21.62 -21.87
C ASN B 88 -2.61 -21.15 -20.46
N ILE B 89 -3.89 -21.21 -20.11
CA ILE B 89 -4.38 -20.65 -18.84
C ILE B 89 -4.20 -21.55 -17.62
N THR B 90 -3.63 -22.74 -17.81
CA THR B 90 -3.27 -23.67 -16.71
C THR B 90 -1.74 -23.86 -16.58
N GLY B 91 -0.95 -22.84 -16.94
CA GLY B 91 0.50 -22.85 -16.75
C GLY B 91 1.37 -23.74 -17.65
N LYS B 92 0.88 -24.13 -18.82
CA LYS B 92 1.63 -25.04 -19.71
C LYS B 92 2.43 -24.35 -20.82
N GLY B 93 2.56 -23.02 -20.73
CA GLY B 93 3.38 -22.22 -21.63
C GLY B 93 2.61 -21.35 -22.61
N HIS B 94 3.35 -20.78 -23.54
CA HIS B 94 2.81 -19.86 -24.50
C HIS B 94 3.29 -20.20 -25.90
N VAL B 95 2.71 -19.54 -26.89
CA VAL B 95 3.13 -19.73 -28.25
C VAL B 95 3.15 -18.37 -28.90
N LEU B 96 4.22 -18.05 -29.61
CA LEU B 96 4.31 -16.87 -30.46
C LEU B 96 4.25 -17.34 -31.89
N ILE B 97 3.41 -16.68 -32.67
CA ILE B 97 3.17 -17.02 -34.07
C ILE B 97 3.34 -15.74 -34.91
N CYS B 98 4.51 -15.60 -35.54
CA CYS B 98 4.84 -14.40 -36.31
C CYS B 98 4.77 -14.67 -37.81
N PRO B 99 3.80 -14.08 -38.52
CA PRO B 99 3.70 -14.42 -39.94
C PRO B 99 4.93 -14.01 -40.78
N ILE B 100 5.11 -14.71 -41.91
CA ILE B 100 6.19 -14.50 -42.86
C ILE B 100 5.58 -14.42 -44.27
N PRO B 101 5.67 -13.26 -44.93
CA PRO B 101 6.04 -11.96 -44.34
C PRO B 101 4.91 -11.46 -43.41
N ILE B 102 4.95 -10.19 -43.01
CA ILE B 102 3.89 -9.61 -42.18
C ILE B 102 2.53 -9.79 -42.88
N GLY B 103 1.57 -10.38 -42.15
CA GLY B 103 0.26 -10.74 -42.72
C GLY B 103 0.25 -11.91 -43.71
N GLY B 104 1.38 -12.61 -43.85
CA GLY B 104 1.54 -13.65 -44.88
C GLY B 104 1.19 -15.05 -44.39
N PRO B 105 1.29 -16.04 -45.29
CA PRO B 105 0.91 -17.41 -44.93
C PRO B 105 1.97 -18.20 -44.18
N GLY B 106 3.25 -17.89 -44.38
CA GLY B 106 4.31 -18.48 -43.57
C GLY B 106 4.28 -18.05 -42.11
N ALA B 107 5.08 -18.71 -41.26
CA ALA B 107 5.16 -18.32 -39.86
C ALA B 107 6.38 -18.87 -39.15
N LEU B 108 6.98 -18.01 -38.31
CA LEU B 108 7.90 -18.47 -37.29
C LEU B 108 7.09 -18.70 -36.01
N ILE B 109 7.08 -19.93 -35.51
CA ILE B 109 6.34 -20.27 -34.28
C ILE B 109 7.30 -20.62 -33.15
N ALA B 110 7.17 -19.93 -32.03
CA ALA B 110 8.00 -20.17 -30.85
C ALA B 110 7.11 -20.57 -29.70
N TYR B 111 7.32 -21.78 -29.19
CA TYR B 111 6.65 -22.26 -27.99
C TYR B 111 7.51 -21.84 -26.79
N VAL B 112 6.89 -21.19 -25.81
CA VAL B 112 7.60 -20.51 -24.75
C VAL B 112 7.36 -21.21 -23.42
N ASN B 113 8.40 -21.23 -22.60
CA ASN B 113 8.33 -21.86 -21.30
C ASN B 113 7.40 -21.03 -20.41
N PRO B 114 6.53 -21.70 -19.61
CA PRO B 114 5.58 -20.97 -18.76
C PRO B 114 6.15 -20.03 -17.68
N ARG B 115 7.46 -20.09 -17.43
CA ARG B 115 8.12 -19.15 -16.50
C ARG B 115 8.24 -17.74 -17.10
N ALA B 116 8.31 -17.66 -18.43
CA ALA B 116 8.52 -16.38 -19.09
C ALA B 116 7.18 -15.72 -19.28
N GLY B 117 7.20 -14.41 -19.46
CA GLY B 117 6.04 -13.68 -19.97
C GLY B 117 6.11 -13.81 -21.49
N PRO B 118 4.98 -14.07 -22.15
CA PRO B 118 5.09 -14.36 -23.60
C PRO B 118 5.70 -13.19 -24.43
N ARG B 119 5.27 -11.97 -24.11
CA ARG B 119 5.70 -10.77 -24.83
C ARG B 119 7.20 -10.44 -24.70
N ASP B 120 7.88 -10.98 -23.71
CA ASP B 120 9.31 -10.70 -23.54
C ASP B 120 10.17 -11.24 -24.65
N LEU B 121 9.77 -12.40 -25.19
CA LEU B 121 10.49 -13.01 -26.31
C LEU B 121 10.14 -12.37 -27.66
N LEU B 122 9.24 -11.40 -27.66
CA LEU B 122 8.53 -10.99 -28.87
C LEU B 122 9.41 -10.20 -29.83
N PHE B 123 10.23 -9.30 -29.29
CA PHE B 123 11.12 -8.47 -30.11
C PHE B 123 12.10 -9.32 -30.92
N ASN B 124 12.73 -10.29 -30.28
CA ASN B 124 13.64 -11.19 -31.00
C ASN B 124 12.94 -12.07 -32.00
N VAL B 125 11.85 -12.70 -31.59
CA VAL B 125 11.10 -13.61 -32.47
C VAL B 125 10.60 -12.87 -33.71
N GLN B 126 10.03 -11.68 -33.50
CA GLN B 126 9.58 -10.81 -34.62
C GLN B 126 10.71 -10.52 -35.62
N GLU B 127 11.91 -10.28 -35.09
CA GLU B 127 13.08 -9.97 -35.90
C GLU B 127 13.53 -11.17 -36.75
N TYR B 128 13.57 -12.36 -36.16
CA TYR B 128 13.91 -13.58 -36.89
C TYR B 128 12.85 -13.97 -37.94
N ALA B 129 11.59 -13.61 -37.73
CA ALA B 129 10.55 -13.76 -38.78
C ALA B 129 10.83 -12.85 -39.98
N LYS B 130 11.24 -11.61 -39.72
CA LYS B 130 11.71 -10.72 -40.77
C LYS B 130 12.88 -11.35 -41.55
N LYS B 131 13.88 -11.87 -40.84
CA LYS B 131 15.04 -12.56 -41.44
C LYS B 131 14.65 -13.75 -42.34
N LEU B 132 13.57 -14.46 -42.00
CA LEU B 132 13.09 -15.62 -42.77
C LEU B 132 12.32 -15.32 -44.07
N ILE B 133 11.98 -14.07 -44.34
CA ILE B 133 11.20 -13.70 -45.55
C ILE B 133 11.88 -14.15 -46.86
N ASN B 134 13.17 -13.88 -46.97
CA ASN B 134 14.02 -14.30 -48.09
C ASN B 134 14.16 -15.81 -48.29
N LEU B 135 14.11 -16.54 -47.19
CA LEU B 135 14.70 -17.88 -47.11
C LEU B 135 13.70 -19.01 -47.31
N ILE B 136 12.43 -18.77 -47.00
CA ILE B 136 11.35 -19.70 -47.36
C ILE B 136 10.95 -19.38 -48.79
N THR C 1 17.54 24.61 24.41
CA THR C 1 16.83 24.66 23.07
C THR C 1 16.81 23.31 22.34
N THR C 2 17.96 22.64 22.25
CA THR C 2 18.10 21.39 21.47
C THR C 2 17.94 20.17 22.35
N ALA C 3 16.94 19.36 22.01
CA ALA C 3 16.65 18.14 22.71
C ALA C 3 17.63 17.02 22.32
N LEU C 4 17.79 16.05 23.22
CA LEU C 4 18.63 14.88 22.99
C LEU C 4 17.76 13.68 22.73
N VAL C 5 18.28 12.77 21.91
CA VAL C 5 17.62 11.51 21.65
C VAL C 5 18.61 10.37 21.87
N CYS C 6 18.34 9.57 22.91
CA CYS C 6 19.09 8.38 23.21
CA CYS C 6 19.10 8.37 23.24
C CYS C 6 18.20 7.15 23.00
N ASP C 7 18.62 6.22 22.15
CA ASP C 7 17.87 4.98 21.89
C ASP C 7 18.68 3.79 22.38
N ASN C 8 18.26 3.18 23.49
CA ASN C 8 19.07 2.18 24.17
C ASN C 8 18.70 0.78 23.79
N GLY C 9 19.62 0.12 23.09
CA GLY C 9 19.46 -1.27 22.68
C GLY C 9 20.32 -2.24 23.47
N SER C 10 19.96 -3.52 23.31
CA SER C 10 20.72 -4.65 23.86
C SER C 10 22.16 -4.72 23.42
N GLY C 11 22.42 -4.38 22.15
CA GLY C 11 23.78 -4.36 21.59
C GLY C 11 24.41 -2.98 21.47
N LEU C 12 23.65 -2.04 20.90
CA LEU C 12 24.16 -0.75 20.49
C LEU C 12 23.34 0.38 21.07
N VAL C 13 24.03 1.39 21.59
CA VAL C 13 23.41 2.64 22.00
C VAL C 13 23.42 3.51 20.75
N LYS C 14 22.32 4.18 20.45
CA LYS C 14 22.27 5.17 19.40
C LYS C 14 21.91 6.48 20.06
N ALA C 15 22.78 7.47 19.94
CA ALA C 15 22.58 8.74 20.61
C ALA C 15 22.93 9.95 19.74
N GLY C 16 22.27 11.07 20.04
CA GLY C 16 22.44 12.24 19.22
C GLY C 16 21.50 13.37 19.58
N PHE C 17 21.43 14.35 18.68
CA PHE C 17 20.68 15.56 18.88
C PHE C 17 19.42 15.52 18.01
N ALA C 18 18.27 15.83 18.63
CA ALA C 18 17.01 16.00 17.93
C ALA C 18 17.18 17.00 16.77
N GLY C 19 16.77 16.59 15.58
CA GLY C 19 16.86 17.43 14.40
C GLY C 19 18.02 17.09 13.50
N ASP C 20 18.94 16.24 13.95
CA ASP C 20 19.95 15.66 13.06
C ASP C 20 19.32 14.52 12.26
N ASP C 21 19.90 14.24 11.08
CA ASP C 21 19.42 13.15 10.22
C ASP C 21 19.83 11.78 10.70
N ALA C 22 20.85 11.72 11.54
CA ALA C 22 21.37 10.43 11.99
C ALA C 22 22.07 10.57 13.36
N PRO C 23 22.19 9.45 14.10
CA PRO C 23 22.83 9.54 15.40
C PRO C 23 24.32 9.96 15.33
N ARG C 24 24.70 10.88 16.20
CA ARG C 24 26.08 11.35 16.33
C ARG C 24 26.97 10.25 16.90
N ALA C 25 26.45 9.47 17.84
CA ALA C 25 27.24 8.44 18.50
C ALA C 25 26.50 7.11 18.49
N VAL C 26 27.12 6.09 17.88
CA VAL C 26 26.65 4.71 17.89
C VAL C 26 27.74 3.81 18.47
N PHE C 27 27.52 3.27 19.67
CA PHE C 27 28.56 2.56 20.43
C PHE C 27 28.02 1.37 21.22
N PRO C 28 28.87 0.36 21.48
CA PRO C 28 28.34 -0.85 22.14
C PRO C 28 27.80 -0.63 23.55
N SER C 29 26.71 -1.32 23.87
CA SER C 29 26.01 -1.17 25.13
C SER C 29 26.61 -2.18 26.12
N ILE C 30 27.84 -1.86 26.53
CA ILE C 30 28.62 -2.67 27.46
C ILE C 30 29.33 -1.78 28.50
N VAL C 31 29.53 -2.36 29.69
CA VAL C 31 30.22 -1.72 30.79
C VAL C 31 31.16 -2.74 31.38
N GLY C 32 32.41 -2.33 31.55
CA GLY C 32 33.48 -3.18 32.04
C GLY C 32 34.06 -2.59 33.30
N ARG C 33 34.19 -3.42 34.33
CA ARG C 33 34.77 -3.03 35.61
C ARG C 33 36.05 -3.83 35.80
N PRO C 34 37.05 -3.27 36.52
CA PRO C 34 38.32 -4.00 36.64
C PRO C 34 38.15 -5.39 37.27
N ARG C 35 39.01 -6.31 36.84
CA ARG C 35 39.11 -7.64 37.43
C ARG C 35 39.83 -7.60 38.79
N HIS C 36 40.94 -6.88 38.89
CA HIS C 36 41.75 -6.80 40.14
C HIS C 36 40.92 -6.41 41.36
N GLN C 45 44.08 4.00 36.31
CA GLN C 45 43.03 2.99 36.21
C GLN C 45 41.73 3.44 36.91
N LYS C 46 40.59 3.10 36.29
CA LYS C 46 39.27 3.68 36.63
C LYS C 46 38.26 2.62 37.10
N ASP C 47 37.21 3.08 37.77
CA ASP C 47 36.19 2.19 38.35
C ASP C 47 35.36 1.48 37.31
N SER C 48 35.23 2.12 36.14
CA SER C 48 34.46 1.58 35.03
C SER C 48 34.86 2.21 33.68
N TYR C 49 34.60 1.48 32.61
CA TYR C 49 34.72 1.96 31.24
C TYR C 49 33.46 1.58 30.52
N VAL C 50 33.15 2.29 29.45
CA VAL C 50 31.93 2.07 28.65
C VAL C 50 32.28 1.96 27.17
N GLY C 51 31.55 1.11 26.46
CA GLY C 51 31.54 1.15 25.00
C GLY C 51 32.85 0.68 24.38
N ASP C 52 33.33 1.44 23.38
CA ASP C 52 34.57 1.10 22.68
C ASP C 52 35.80 0.98 23.58
N GLU C 53 35.92 1.85 24.59
CA GLU C 53 37.09 1.80 25.51
C GLU C 53 37.04 0.54 26.40
N ALA C 54 35.84 0.10 26.77
CA ALA C 54 35.69 -1.14 27.55
C ALA C 54 36.19 -2.35 26.76
N GLN C 55 35.81 -2.44 25.49
CA GLN C 55 36.33 -3.48 24.57
C GLN C 55 37.84 -3.40 24.33
N SER C 56 38.41 -2.19 24.21
CA SER C 56 39.86 -2.03 24.02
C SER C 56 40.65 -2.63 25.18
N LYS C 57 40.08 -2.56 26.39
CA LYS C 57 40.72 -3.07 27.62
C LYS C 57 40.00 -4.32 28.17
N ARG C 58 39.50 -5.17 27.28
CA ARG C 58 38.71 -6.34 27.68
C ARG C 58 39.52 -7.35 28.53
N GLY C 59 40.80 -7.50 28.25
CA GLY C 59 41.64 -8.40 29.01
C GLY C 59 41.70 -8.14 30.51
N ILE C 60 41.71 -6.86 30.90
CA ILE C 60 41.77 -6.46 32.33
C ILE C 60 40.42 -6.12 32.96
N LEU C 61 39.33 -6.25 32.19
CA LEU C 61 37.98 -5.94 32.64
C LEU C 61 37.04 -7.15 32.55
N THR C 62 35.97 -7.10 33.34
CA THR C 62 34.86 -8.03 33.25
C THR C 62 33.76 -7.22 32.60
N LEU C 63 33.30 -7.67 31.44
CA LEU C 63 32.33 -6.94 30.64
C LEU C 63 30.93 -7.46 30.86
N LYS C 64 29.96 -6.54 30.83
CA LYS C 64 28.55 -6.88 30.98
C LYS C 64 27.63 -6.05 30.06
N TYR C 65 26.52 -6.67 29.64
CA TYR C 65 25.47 -6.02 28.87
C TYR C 65 24.37 -5.60 29.88
N PRO C 66 24.14 -4.29 30.08
CA PRO C 66 23.09 -3.89 31.02
C PRO C 66 21.66 -4.04 30.52
N ILE C 67 21.49 -4.16 29.20
CA ILE C 67 20.18 -4.41 28.62
C ILE C 67 20.15 -5.80 27.98
N GLU C 68 19.20 -6.63 28.42
CA GLU C 68 18.99 -7.98 27.89
C GLU C 68 17.61 -8.07 27.25
N HIS C 69 17.57 -8.54 26.00
CA HIS C 69 16.33 -8.67 25.22
C HIS C 69 15.47 -7.39 25.27
N GLY C 70 16.14 -6.23 25.18
CA GLY C 70 15.49 -4.91 25.19
C GLY C 70 15.07 -4.31 26.53
N ILE C 71 15.25 -5.04 27.63
CA ILE C 71 14.83 -4.64 28.98
C ILE C 71 16.07 -4.27 29.82
N ILE C 72 16.01 -3.17 30.57
CA ILE C 72 17.13 -2.75 31.45
C ILE C 72 17.14 -3.67 32.66
N THR C 73 18.21 -4.43 32.86
CA THR C 73 18.32 -5.38 33.97
C THR C 73 19.40 -5.06 35.00
N ASN C 74 20.47 -4.38 34.58
CA ASN C 74 21.48 -3.86 35.51
C ASN C 74 21.44 -2.32 35.51
N TRP C 75 20.81 -1.75 36.53
CA TRP C 75 20.62 -0.30 36.63
C TRP C 75 21.89 0.48 36.95
N ASP C 76 22.78 -0.07 37.78
CA ASP C 76 24.07 0.59 38.06
C ASP C 76 24.87 0.76 36.79
N ASP C 77 24.95 -0.32 36.02
CA ASP C 77 25.67 -0.29 34.77
C ASP C 77 24.98 0.58 33.74
N MET C 78 23.65 0.62 33.76
CA MET C 78 22.90 1.52 32.85
C MET C 78 23.14 3.00 33.13
N GLU C 79 23.24 3.39 34.41
CA GLU C 79 23.66 4.75 34.75
C GLU C 79 24.98 5.10 34.07
N LYS C 80 25.94 4.19 34.11
CA LYS C 80 27.26 4.39 33.49
C LYS C 80 27.16 4.64 31.99
N ILE C 81 26.32 3.84 31.32
CA ILE C 81 26.02 4.04 29.90
C ILE C 81 25.53 5.49 29.68
N TRP C 82 24.57 5.91 30.49
CA TRP C 82 23.94 7.22 30.35
C TRP C 82 24.91 8.38 30.65
N HIS C 83 25.68 8.28 31.72
CA HIS C 83 26.70 9.27 32.06
C HIS C 83 27.67 9.41 30.90
N HIS C 84 28.13 8.27 30.40
CA HIS C 84 29.05 8.23 29.28
C HIS C 84 28.47 8.85 27.98
N THR C 85 27.18 8.60 27.73
CA THR C 85 26.49 9.15 26.57
C THR C 85 26.48 10.69 26.64
N PHE C 86 26.03 11.21 27.77
CA PHE C 86 25.94 12.63 28.00
C PHE C 86 27.35 13.29 27.93
N TYR C 87 28.24 12.86 28.82
CA TYR C 87 29.51 13.53 29.06
C TYR C 87 30.60 13.28 28.04
N ASN C 88 30.77 12.04 27.58
CA ASN C 88 31.86 11.70 26.65
C ASN C 88 31.46 11.69 25.19
N GLU C 89 30.29 11.13 24.87
CA GLU C 89 29.88 10.93 23.49
C GLU C 89 29.19 12.18 22.93
N LEU C 90 28.28 12.77 23.69
CA LEU C 90 27.56 13.94 23.24
C LEU C 90 28.15 15.27 23.72
N ARG C 91 28.93 15.25 24.81
CA ARG C 91 29.60 16.47 25.33
C ARG C 91 28.57 17.57 25.67
N VAL C 92 27.63 17.23 26.54
CA VAL C 92 26.58 18.16 26.93
C VAL C 92 26.44 18.02 28.41
N ALA C 93 25.75 19.00 28.99
CA ALA C 93 25.34 18.95 30.37
C ALA C 93 23.88 18.47 30.33
N PRO C 94 23.59 17.31 30.91
CA PRO C 94 22.23 16.77 30.76
C PRO C 94 21.12 17.68 31.34
N GLU C 95 21.48 18.52 32.32
CA GLU C 95 20.55 19.52 32.88
C GLU C 95 20.16 20.67 31.91
N GLU C 96 20.82 20.75 30.76
CA GLU C 96 20.56 21.81 29.77
C GLU C 96 19.72 21.38 28.57
N HIS C 97 19.22 20.13 28.55
CA HIS C 97 18.56 19.57 27.37
C HIS C 97 17.37 18.65 27.73
N PRO C 98 16.20 18.86 27.08
CA PRO C 98 15.18 17.81 27.18
C PRO C 98 15.75 16.52 26.62
N THR C 99 15.54 15.41 27.32
CA THR C 99 16.07 14.11 26.85
C THR C 99 14.93 13.12 26.52
N LEU C 100 14.92 12.62 25.28
CA LEU C 100 13.96 11.59 24.83
C LEU C 100 14.66 10.27 24.80
N LEU C 101 14.13 9.30 25.56
CA LEU C 101 14.64 7.93 25.60
C LEU C 101 13.64 7.00 24.96
N THR C 102 14.08 5.77 24.74
CA THR C 102 13.24 4.74 24.13
C THR C 102 13.12 3.52 25.05
N GLU C 103 12.12 2.70 24.77
CA GLU C 103 11.87 1.48 25.52
C GLU C 103 11.23 0.40 24.64
N ALA C 104 11.31 -0.83 25.12
CA ALA C 104 10.61 -1.95 24.51
C ALA C 104 9.12 -1.81 24.70
N PRO C 105 8.33 -2.40 23.76
CA PRO C 105 6.92 -2.62 24.06
C PRO C 105 6.86 -3.50 25.30
N LEU C 106 5.86 -3.32 26.14
CA LEU C 106 5.64 -4.19 27.32
C LEU C 106 6.64 -4.01 28.46
N ASN C 107 7.45 -2.96 28.38
CA ASN C 107 8.40 -2.64 29.40
C ASN C 107 7.67 -2.51 30.73
N PRO C 108 8.09 -3.26 31.77
CA PRO C 108 7.35 -3.21 33.05
C PRO C 108 7.24 -1.81 33.66
N LYS C 109 6.08 -1.50 34.23
CA LYS C 109 5.83 -0.18 34.82
C LYS C 109 6.92 0.32 35.80
N ALA C 110 7.40 -0.55 36.67
CA ALA C 110 8.53 -0.26 37.56
C ALA C 110 9.78 0.26 36.80
N ASN C 111 10.11 -0.36 35.67
CA ASN C 111 11.25 0.07 34.83
C ASN C 111 11.05 1.46 34.20
N ARG C 112 9.82 1.76 33.79
CA ARG C 112 9.52 3.07 33.24
C ARG C 112 9.70 4.15 34.31
N GLU C 113 9.24 3.86 35.53
CA GLU C 113 9.42 4.78 36.67
C GLU C 113 10.90 4.97 37.00
N LYS C 114 11.63 3.86 37.13
CA LYS C 114 13.08 3.87 37.43
C LYS C 114 13.88 4.74 36.45
N MET C 115 13.60 4.56 35.17
CA MET C 115 14.20 5.38 34.13
C MET C 115 13.92 6.85 34.42
N THR C 116 12.66 7.16 34.66
CA THR C 116 12.23 8.52 34.91
C THR C 116 12.92 9.10 36.16
N GLN C 117 12.96 8.30 37.21
CA GLN C 117 13.57 8.69 38.48
C GLN C 117 15.04 9.05 38.29
N ILE C 118 15.78 8.18 37.60
CA ILE C 118 17.19 8.38 37.33
C ILE C 118 17.43 9.66 36.54
N MET C 119 16.65 9.86 35.47
CA MET C 119 16.84 11.03 34.62
C MET C 119 16.69 12.36 35.37
N PHE C 120 15.68 12.44 36.25
CA PHE C 120 15.41 13.68 36.97
C PHE C 120 16.28 13.87 38.21
N GLU C 121 16.57 12.79 38.93
CA GLU C 121 17.24 12.88 40.23
C GLU C 121 18.74 12.71 40.14
N THR C 122 19.19 11.79 39.30
CA THR C 122 20.62 11.58 39.09
C THR C 122 21.17 12.54 38.05
N PHE C 123 20.48 12.69 36.92
CA PHE C 123 21.02 13.50 35.81
C PHE C 123 20.42 14.90 35.71
N ASN C 124 19.40 15.20 36.50
CA ASN C 124 18.88 16.57 36.64
C ASN C 124 18.34 17.17 35.34
N VAL C 125 17.77 16.34 34.46
CA VAL C 125 17.25 16.85 33.18
C VAL C 125 16.09 17.82 33.42
N PRO C 126 15.96 18.89 32.58
CA PRO C 126 14.85 19.81 32.72
C PRO C 126 13.56 19.21 32.15
N ALA C 127 13.66 18.17 31.34
CA ALA C 127 12.50 17.52 30.77
C ALA C 127 12.87 16.15 30.22
N MET C 128 11.93 15.20 30.21
CA MET C 128 12.14 13.92 29.55
C MET C 128 10.87 13.31 28.94
N TYR C 129 11.12 12.40 28.02
CA TYR C 129 10.06 11.60 27.40
C TYR C 129 10.61 10.24 27.15
N VAL C 130 9.74 9.24 27.20
CA VAL C 130 10.13 7.90 26.80
C VAL C 130 9.06 7.38 25.85
N ALA C 131 9.48 6.69 24.79
CA ALA C 131 8.56 6.23 23.75
C ALA C 131 8.96 4.84 23.29
N ILE C 132 8.00 4.12 22.72
CA ILE C 132 8.21 2.74 22.32
C ILE C 132 9.03 2.72 21.02
N GLN C 133 9.99 1.81 20.98
CA GLN C 133 10.98 1.79 19.90
C GLN C 133 10.31 1.61 18.52
N ALA C 134 9.42 0.60 18.41
CA ALA C 134 8.68 0.33 17.17
C ALA C 134 7.82 1.50 16.77
N VAL C 135 7.23 2.18 17.75
CA VAL C 135 6.37 3.31 17.46
C VAL C 135 7.16 4.41 16.73
N LEU C 136 8.41 4.63 17.16
CA LEU C 136 9.29 5.63 16.54
C LEU C 136 9.76 5.21 15.14
N SER C 137 10.10 3.93 14.98
CA SER C 137 10.43 3.39 13.64
C SER C 137 9.36 3.66 12.59
N LEU C 138 8.11 3.42 12.99
CA LEU C 138 6.96 3.68 12.14
C LEU C 138 6.82 5.17 11.88
N TYR C 139 7.00 5.98 12.93
CA TYR C 139 6.94 7.44 12.82
C TYR C 139 8.00 8.00 11.85
N ALA C 140 9.17 7.36 11.78
CA ALA C 140 10.25 7.76 10.88
C ALA C 140 9.94 7.51 9.41
N SER C 141 9.14 6.47 9.15
CA SER C 141 8.70 6.19 7.78
C SER C 141 7.58 7.11 7.29
N GLY C 142 7.11 8.06 8.09
CA GLY C 142 6.00 8.94 7.69
C GLY C 142 4.60 8.37 7.84
N ARG C 143 4.43 7.33 8.65
CA ARG C 143 3.14 6.67 8.87
C ARG C 143 2.76 6.74 10.33
N THR C 144 1.46 6.74 10.59
CA THR C 144 0.95 6.60 11.96
C THR C 144 0.15 5.30 12.17
N THR C 145 -0.01 4.50 11.11
CA THR C 145 -0.70 3.22 11.21
C THR C 145 0.06 2.18 10.41
N GLY C 146 0.45 1.11 11.07
CA GLY C 146 1.14 0.02 10.41
C GLY C 146 1.50 -1.02 11.41
N ILE C 147 2.24 -2.03 10.95
CA ILE C 147 2.77 -3.07 11.81
C ILE C 147 4.25 -3.14 11.59
N VAL C 148 5.00 -2.99 12.66
CA VAL C 148 6.44 -2.96 12.61
C VAL C 148 6.95 -4.35 13.01
N LEU C 149 7.93 -4.83 12.25
CA LEU C 149 8.77 -5.91 12.69
C LEU C 149 10.10 -5.26 13.08
N ASP C 150 10.40 -5.26 14.37
CA ASP C 150 11.60 -4.60 14.93
C ASP C 150 12.52 -5.65 15.50
N SER C 151 13.61 -5.93 14.82
CA SER C 151 14.49 -7.03 15.16
C SER C 151 15.92 -6.53 15.34
N GLY C 152 16.49 -6.73 16.53
CA GLY C 152 17.78 -6.12 16.89
C GLY C 152 18.85 -7.16 17.16
N ASP C 153 19.56 -6.99 18.26
CA ASP C 153 20.61 -7.89 18.68
C ASP C 153 20.16 -8.82 19.81
N GLY C 154 19.24 -8.35 20.67
CA GLY C 154 18.68 -9.16 21.75
C GLY C 154 17.23 -9.61 21.62
N VAL C 155 16.42 -8.92 20.81
CA VAL C 155 14.99 -9.21 20.78
C VAL C 155 14.33 -8.83 19.46
N THR C 156 13.24 -9.53 19.15
CA THR C 156 12.38 -9.24 18.00
C THR C 156 10.93 -9.05 18.49
N HIS C 157 10.25 -8.04 17.95
CA HIS C 157 8.84 -7.77 18.27
C HIS C 157 8.02 -7.57 17.00
N ASN C 158 6.80 -8.09 16.97
CA ASN C 158 5.80 -7.56 16.05
C ASN C 158 4.99 -6.53 16.83
N VAL C 159 4.81 -5.34 16.26
CA VAL C 159 4.07 -4.26 16.94
C VAL C 159 3.06 -3.60 15.99
N PRO C 160 1.77 -3.98 16.11
CA PRO C 160 0.76 -3.27 15.36
C PRO C 160 0.41 -1.95 16.07
N ILE C 161 0.36 -0.88 15.27
CA ILE C 161 0.16 0.46 15.75
C ILE C 161 -0.99 1.13 14.98
N TYR C 162 -1.94 1.68 15.73
CA TYR C 162 -2.99 2.49 15.16
C TYR C 162 -2.88 3.93 15.65
N GLU C 163 -2.89 4.85 14.69
CA GLU C 163 -2.70 6.28 14.88
C GLU C 163 -1.77 6.64 16.04
N GLY C 164 -0.54 6.10 15.96
CA GLY C 164 0.56 6.46 16.86
C GLY C 164 0.62 5.75 18.20
N TYR C 165 -0.30 4.81 18.46
CA TYR C 165 -0.29 4.04 19.71
C TYR C 165 -0.31 2.55 19.38
N ALA C 166 0.46 1.76 20.13
CA ALA C 166 0.49 0.32 19.97
C ALA C 166 -0.85 -0.28 20.38
N LEU C 167 -1.35 -1.23 19.60
CA LEU C 167 -2.54 -1.96 20.01
C LEU C 167 -2.01 -3.00 21.00
N PRO C 168 -2.24 -2.81 22.32
CA PRO C 168 -1.35 -3.54 23.28
C PRO C 168 -1.58 -5.05 23.35
N HIS C 169 -2.85 -5.45 23.28
CA HIS C 169 -3.24 -6.85 23.22
C HIS C 169 -2.61 -7.66 22.06
N ALA C 170 -2.09 -6.98 21.02
CA ALA C 170 -1.64 -7.64 19.80
C ALA C 170 -0.13 -7.76 19.59
N ILE C 171 0.66 -7.28 20.56
CA ILE C 171 2.12 -7.28 20.47
C ILE C 171 2.66 -8.68 20.72
N MET C 172 3.62 -9.09 19.90
CA MET C 172 4.39 -10.34 20.09
C MET C 172 5.87 -10.03 20.38
N ARG C 173 6.41 -10.70 21.39
CA ARG C 173 7.82 -10.67 21.73
C ARG C 173 8.39 -12.05 21.43
N LEU C 174 9.46 -12.08 20.65
CA LEU C 174 10.20 -13.31 20.36
C LEU C 174 11.68 -13.09 20.73
N ASP C 175 12.21 -13.88 21.66
CA ASP C 175 13.60 -13.72 22.11
C ASP C 175 14.58 -14.38 21.13
N LEU C 176 14.60 -13.88 19.90
CA LEU C 176 15.42 -14.44 18.84
C LEU C 176 15.83 -13.27 17.97
N ALA C 177 17.12 -12.91 18.04
CA ALA C 177 17.62 -11.70 17.37
C ALA C 177 19.06 -11.88 16.89
N GLY C 178 19.76 -10.79 16.52
CA GLY C 178 21.07 -10.89 15.86
C GLY C 178 22.13 -11.73 16.59
N ARG C 179 22.22 -11.56 17.91
CA ARG C 179 23.18 -12.31 18.72
C ARG C 179 22.97 -13.83 18.60
N ASP C 180 21.71 -14.27 18.65
CA ASP C 180 21.37 -15.70 18.45
C ASP C 180 21.77 -16.22 17.08
N LEU C 181 21.55 -15.40 16.06
CA LEU C 181 21.92 -15.73 14.69
C LEU C 181 23.44 -15.82 14.54
N THR C 182 24.18 -14.91 15.17
CA THR C 182 25.67 -15.02 15.24
C THR C 182 26.11 -16.33 15.90
N ASP C 183 25.54 -16.63 17.06
CA ASP C 183 25.84 -17.88 17.80
C ASP C 183 25.57 -19.14 16.96
N TYR C 184 24.49 -19.11 16.18
CA TYR C 184 24.14 -20.22 15.28
C TYR C 184 25.07 -20.29 14.07
N LEU C 185 25.41 -19.14 13.50
CA LEU C 185 26.46 -19.10 12.47
C LEU C 185 27.76 -19.72 12.99
N MET C 186 28.12 -19.42 14.23
CA MET C 186 29.31 -20.04 14.87
C MET C 186 29.22 -21.56 14.91
N LYS C 187 28.05 -22.05 15.32
CA LYS C 187 27.80 -23.48 15.44
C LYS C 187 27.92 -24.18 14.10
N ILE C 188 27.24 -23.67 13.07
CA ILE C 188 27.26 -24.34 11.75
C ILE C 188 28.61 -24.23 11.01
N LEU C 189 29.38 -23.17 11.27
CA LEU C 189 30.76 -23.08 10.72
C LEU C 189 31.69 -24.14 11.29
N THR C 190 31.39 -24.65 12.49
CA THR C 190 32.07 -25.84 13.04
C THR C 190 31.88 -27.05 12.13
N GLU C 191 30.67 -27.24 11.61
CA GLU C 191 30.36 -28.35 10.69
C GLU C 191 31.28 -28.36 9.45
N ARG C 192 31.73 -27.16 9.04
CA ARG C 192 32.64 -27.00 7.91
C ARG C 192 34.13 -27.22 8.27
N GLY C 193 34.43 -27.40 9.56
CA GLY C 193 35.80 -27.62 10.04
C GLY C 193 36.54 -26.38 10.53
N TYR C 194 35.81 -25.28 10.72
CA TYR C 194 36.35 -24.05 11.34
C TYR C 194 35.81 -23.96 12.77
N SER C 195 36.61 -23.45 13.71
CA SER C 195 36.18 -23.40 15.11
C SER C 195 36.13 -21.95 15.63
N PHE C 196 34.92 -21.46 15.91
CA PHE C 196 34.72 -20.17 16.58
C PHE C 196 33.96 -20.45 17.88
N VAL C 197 34.57 -20.12 19.03
CA VAL C 197 33.93 -20.38 20.35
C VAL C 197 34.03 -19.23 21.40
N THR C 198 35.14 -18.50 21.47
CA THR C 198 35.30 -17.41 22.45
C THR C 198 34.43 -16.19 22.08
N THR C 199 34.32 -15.26 23.04
CA THR C 199 33.78 -13.92 22.77
C THR C 199 34.41 -13.27 21.53
N ALA C 200 35.73 -13.37 21.39
CA ALA C 200 36.47 -12.67 20.31
C ALA C 200 36.10 -13.23 18.96
N GLU C 201 36.22 -14.55 18.86
CA GLU C 201 35.81 -15.28 17.67
C GLU C 201 34.35 -15.03 17.34
N ARG C 202 33.50 -14.86 18.36
CA ARG C 202 32.09 -14.54 18.10
C ARG C 202 31.93 -13.22 17.34
N GLU C 203 32.77 -12.25 17.65
CA GLU C 203 32.79 -10.96 16.95
C GLU C 203 33.21 -11.08 15.49
N ILE C 204 34.18 -11.94 15.21
CA ILE C 204 34.57 -12.23 13.83
C ILE C 204 33.36 -12.80 13.05
N VAL C 205 32.63 -13.71 13.67
CA VAL C 205 31.45 -14.30 13.05
C VAL C 205 30.32 -13.28 12.92
N ARG C 206 30.14 -12.38 13.90
CA ARG C 206 29.18 -11.28 13.70
C ARG C 206 29.51 -10.57 12.38
N ASP C 207 30.78 -10.25 12.16
CA ASP C 207 31.19 -9.57 10.93
C ASP C 207 30.87 -10.39 9.68
N ILE C 208 31.16 -11.69 9.72
CA ILE C 208 30.88 -12.57 8.57
C ILE C 208 29.37 -12.56 8.26
N LYS C 209 28.57 -12.71 9.30
CA LYS C 209 27.13 -12.64 9.21
C LYS C 209 26.62 -11.38 8.50
N GLU C 210 27.12 -10.21 8.92
CA GLU C 210 26.67 -8.92 8.39
C GLU C 210 27.05 -8.66 6.94
N LYS C 211 28.19 -9.21 6.52
CA LYS C 211 28.73 -8.99 5.16
C LYS C 211 28.29 -10.04 4.16
N LEU C 212 28.17 -11.29 4.57
CA LEU C 212 27.93 -12.38 3.62
C LEU C 212 26.57 -13.08 3.67
N CYS C 213 25.83 -12.97 4.76
CA CYS C 213 24.53 -13.65 4.86
C CYS C 213 23.42 -13.01 4.01
N TYR C 214 22.39 -13.80 3.72
CA TYR C 214 21.19 -13.29 3.04
C TYR C 214 20.03 -14.25 3.24
N VAL C 215 18.84 -13.77 2.93
CA VAL C 215 17.65 -14.54 3.05
C VAL C 215 17.36 -15.12 1.67
N ALA C 216 17.32 -16.44 1.59
CA ALA C 216 16.91 -17.10 0.37
C ALA C 216 15.46 -16.78 0.15
N LEU C 217 15.10 -16.47 -1.09
CA LEU C 217 13.70 -16.30 -1.47
C LEU C 217 12.97 -17.63 -1.32
N ASP C 218 13.64 -18.73 -1.69
CA ASP C 218 13.08 -20.08 -1.60
C ASP C 218 14.16 -21.01 -1.02
N PHE C 219 14.02 -21.32 0.26
CA PHE C 219 15.05 -22.01 1.02
C PHE C 219 15.47 -23.34 0.40
N GLU C 220 14.51 -24.23 0.13
CA GLU C 220 14.82 -25.56 -0.45
C GLU C 220 15.54 -25.45 -1.78
N ASN C 221 15.06 -24.57 -2.66
CA ASN C 221 15.72 -24.32 -3.94
C ASN C 221 17.17 -23.86 -3.74
N GLU C 222 17.36 -22.91 -2.84
CA GLU C 222 18.70 -22.39 -2.53
C GLU C 222 19.59 -23.49 -1.97
N MET C 223 19.06 -24.28 -1.04
CA MET C 223 19.78 -25.46 -0.55
C MET C 223 20.22 -26.41 -1.66
N ALA C 224 19.34 -26.68 -2.63
CA ALA C 224 19.66 -27.57 -3.74
C ALA C 224 20.76 -26.97 -4.62
N THR C 225 20.69 -25.65 -4.83
CA THR C 225 21.72 -24.94 -5.58
C THR C 225 23.09 -25.01 -4.89
N ALA C 226 23.10 -24.83 -3.57
CA ALA C 226 24.36 -24.90 -2.78
C ALA C 226 24.98 -26.29 -2.78
N ALA C 227 24.15 -27.32 -2.91
CA ALA C 227 24.59 -28.72 -2.99
C ALA C 227 24.95 -29.25 -4.40
N SER C 228 24.64 -28.49 -5.46
CA SER C 228 24.96 -28.86 -6.85
C SER C 228 25.97 -27.95 -7.58
N SER C 229 26.40 -26.85 -6.94
CA SER C 229 27.42 -25.95 -7.52
C SER C 229 28.18 -25.19 -6.44
N SER C 230 29.23 -24.47 -6.86
CA SER C 230 29.96 -23.54 -6.01
C SER C 230 29.48 -22.09 -6.17
N SER C 231 28.45 -21.86 -7.01
CA SER C 231 27.97 -20.52 -7.36
C SER C 231 27.58 -19.63 -6.19
N LEU C 232 27.21 -20.22 -5.06
CA LEU C 232 26.80 -19.47 -3.89
C LEU C 232 27.91 -19.24 -2.87
N GLU C 233 29.06 -19.88 -3.06
CA GLU C 233 30.20 -19.70 -2.15
C GLU C 233 30.76 -18.27 -2.19
N LYS C 234 31.20 -17.80 -1.01
CA LYS C 234 31.97 -16.57 -0.88
C LYS C 234 33.15 -16.87 0.02
N SER C 235 34.24 -16.14 -0.20
CA SER C 235 35.41 -16.24 0.67
C SER C 235 35.45 -15.07 1.66
N TYR C 236 36.03 -15.32 2.82
CA TYR C 236 36.24 -14.30 3.86
C TYR C 236 37.58 -14.54 4.57
N GLU C 237 38.35 -13.48 4.74
CA GLU C 237 39.69 -13.60 5.34
C GLU C 237 39.61 -13.21 6.84
N LEU C 238 40.16 -14.08 7.69
CA LEU C 238 40.12 -13.86 9.15
C LEU C 238 41.26 -12.91 9.54
N PRO C 239 41.25 -12.39 10.78
CA PRO C 239 42.34 -11.46 11.20
C PRO C 239 43.79 -11.94 10.98
N ASP C 240 44.02 -13.24 11.12
CA ASP C 240 45.33 -13.85 10.87
C ASP C 240 45.64 -14.17 9.39
N GLY C 241 44.72 -13.83 8.49
CA GLY C 241 44.90 -13.97 7.04
C GLY C 241 44.50 -15.32 6.45
N GLN C 242 43.93 -16.21 7.24
CA GLN C 242 43.40 -17.49 6.72
C GLN C 242 42.10 -17.18 5.96
N VAL C 243 41.99 -17.71 4.74
CA VAL C 243 40.84 -17.50 3.87
C VAL C 243 39.88 -18.68 4.01
N ILE C 244 38.71 -18.41 4.59
CA ILE C 244 37.65 -19.40 4.76
C ILE C 244 36.59 -19.24 3.67
N THR C 245 35.89 -20.32 3.37
CA THR C 245 34.85 -20.32 2.35
C THR C 245 33.56 -20.79 3.00
N ILE C 246 32.47 -20.05 2.79
CA ILE C 246 31.18 -20.38 3.35
C ILE C 246 30.14 -20.50 2.23
N GLY C 247 29.12 -21.33 2.45
CA GLY C 247 28.23 -21.79 1.37
C GLY C 247 26.79 -21.57 1.73
N ASN C 248 26.09 -22.67 2.04
CA ASN C 248 24.70 -22.59 2.49
C ASN C 248 24.52 -21.92 3.88
N GLU C 249 25.60 -21.88 4.66
CA GLU C 249 25.66 -21.11 5.92
C GLU C 249 25.24 -19.67 5.73
N ARG C 250 25.59 -19.09 4.59
CA ARG C 250 25.16 -17.71 4.27
C ARG C 250 23.66 -17.47 4.50
N PHE C 251 22.84 -18.40 4.01
CA PHE C 251 21.37 -18.21 4.10
C PHE C 251 20.67 -19.10 5.12
N ARG C 252 21.34 -20.15 5.62
CA ARG C 252 20.79 -20.94 6.73
C ARG C 252 20.81 -20.15 8.04
N CYS C 253 21.80 -19.28 8.22
CA CYS C 253 21.86 -18.46 9.44
C CYS C 253 20.60 -17.59 9.63
N PRO C 254 20.30 -16.70 8.66
CA PRO C 254 19.06 -15.92 8.80
C PRO C 254 17.77 -16.66 8.45
N GLU C 255 17.84 -17.86 7.87
CA GLU C 255 16.63 -18.70 7.69
C GLU C 255 15.96 -18.99 9.04
N THR C 256 16.78 -19.13 10.09
CA THR C 256 16.36 -19.25 11.49
C THR C 256 15.21 -18.30 11.89
N LEU C 257 15.27 -17.05 11.42
CA LEU C 257 14.18 -16.10 11.64
C LEU C 257 12.81 -16.65 11.26
N PHE C 258 12.77 -17.34 10.12
CA PHE C 258 11.57 -17.91 9.56
C PHE C 258 11.32 -19.33 10.05
N GLN C 259 12.36 -20.04 10.49
CA GLN C 259 12.23 -21.38 11.06
C GLN C 259 13.02 -21.47 12.36
N PRO C 260 12.43 -20.98 13.46
CA PRO C 260 13.20 -20.98 14.71
C PRO C 260 13.56 -22.35 15.30
N SER C 261 12.94 -23.42 14.82
CA SER C 261 13.37 -24.79 15.17
C SER C 261 14.85 -25.10 14.82
N PHE C 262 15.39 -24.42 13.80
CA PHE C 262 16.84 -24.42 13.50
C PHE C 262 17.74 -24.26 14.74
N ILE C 263 17.32 -23.45 15.72
CA ILE C 263 18.03 -23.36 17.01
C ILE C 263 17.23 -23.97 18.17
N GLY C 264 16.42 -25.00 17.88
CA GLY C 264 15.62 -25.69 18.89
C GLY C 264 14.48 -24.92 19.53
N MET C 265 14.10 -23.78 18.95
CA MET C 265 13.10 -22.90 19.55
C MET C 265 11.73 -23.19 18.95
N GLU C 266 10.68 -23.08 19.78
CA GLU C 266 9.36 -23.55 19.37
C GLU C 266 8.60 -22.57 18.50
N SER C 267 8.86 -21.28 18.70
CA SER C 267 8.10 -20.22 18.05
C SER C 267 7.83 -20.45 16.58
N ALA C 268 6.69 -19.96 16.13
CA ALA C 268 6.49 -19.74 14.72
C ALA C 268 7.51 -18.69 14.22
N GLY C 269 7.82 -18.73 12.93
CA GLY C 269 8.77 -17.77 12.36
C GLY C 269 8.19 -16.36 12.24
N ILE C 270 9.03 -15.40 11.90
CA ILE C 270 8.64 -13.97 11.89
C ILE C 270 7.49 -13.63 10.92
N HIS C 271 7.41 -14.38 9.82
CA HIS C 271 6.28 -14.25 8.91
C HIS C 271 4.94 -14.62 9.58
N GLU C 272 4.95 -15.68 10.39
CA GLU C 272 3.72 -16.15 11.02
C GLU C 272 3.36 -15.32 12.24
N THR C 273 4.35 -14.88 13.03
CA THR C 273 4.09 -13.95 14.14
C THR C 273 3.61 -12.60 13.62
N THR C 274 4.09 -12.17 12.45
CA THR C 274 3.50 -11.01 11.79
C THR C 274 2.01 -11.26 11.50
N TYR C 275 1.69 -12.37 10.85
CA TYR C 275 0.30 -12.73 10.58
C TYR C 275 -0.52 -12.82 11.88
N ASN C 276 0.01 -13.51 12.89
CA ASN C 276 -0.74 -13.72 14.14
C ASN C 276 -1.12 -12.37 14.79
N SER C 277 -0.17 -11.44 14.78
CA SER C 277 -0.41 -10.12 15.34
C SER C 277 -1.53 -9.40 14.57
N ILE C 278 -1.44 -9.41 13.25
CA ILE C 278 -2.49 -8.80 12.44
C ILE C 278 -3.87 -9.43 12.78
N MET C 279 -3.92 -10.75 12.94
CA MET C 279 -5.20 -11.43 13.26
C MET C 279 -5.74 -11.13 14.66
N LYS C 280 -4.87 -10.71 15.58
CA LYS C 280 -5.33 -10.21 16.90
C LYS C 280 -5.94 -8.79 16.87
N CYS C 281 -5.71 -8.07 15.77
CA CYS C 281 -6.38 -6.79 15.54
C CYS C 281 -7.70 -6.96 14.81
N ASP C 282 -8.48 -5.89 14.86
CA ASP C 282 -9.81 -5.87 14.29
C ASP C 282 -9.73 -5.92 12.77
N ILE C 283 -10.68 -6.61 12.14
CA ILE C 283 -10.71 -6.74 10.66
C ILE C 283 -10.72 -5.40 9.92
N ASP C 284 -11.33 -4.36 10.50
CA ASP C 284 -11.42 -3.06 9.82
C ASP C 284 -10.07 -2.36 9.56
N ILE C 285 -9.04 -2.59 10.40
CA ILE C 285 -7.69 -2.03 10.11
C ILE C 285 -6.67 -3.04 9.55
N ARG C 286 -7.11 -4.24 9.16
CA ARG C 286 -6.16 -5.22 8.63
C ARG C 286 -5.57 -4.83 7.28
N LYS C 287 -6.42 -4.39 6.36
CA LYS C 287 -5.95 -3.75 5.13
C LYS C 287 -4.79 -2.80 5.39
N ASP C 288 -4.97 -1.87 6.34
CA ASP C 288 -3.95 -0.86 6.65
C ASP C 288 -2.69 -1.47 7.26
N LEU C 289 -2.83 -2.51 8.08
CA LEU C 289 -1.64 -3.18 8.63
C LEU C 289 -0.88 -3.92 7.53
N TYR C 290 -1.60 -4.69 6.71
CA TYR C 290 -0.96 -5.39 5.59
C TYR C 290 -0.23 -4.49 4.58
N ALA C 291 -0.82 -3.34 4.29
CA ALA C 291 -0.24 -2.39 3.34
C ALA C 291 0.91 -1.51 3.94
N ASN C 292 1.25 -1.70 5.22
CA ASN C 292 2.24 -0.86 5.93
C ASN C 292 3.05 -1.67 6.92
N ASN C 293 3.79 -2.65 6.41
CA ASN C 293 4.63 -3.53 7.21
C ASN C 293 6.03 -2.97 7.21
N VAL C 294 6.38 -2.24 8.26
CA VAL C 294 7.68 -1.55 8.33
C VAL C 294 8.68 -2.42 9.06
N MET C 295 9.83 -2.66 8.44
CA MET C 295 10.90 -3.39 9.10
C MET C 295 11.93 -2.40 9.69
N SER C 296 12.32 -2.59 10.95
CA SER C 296 13.41 -1.80 11.53
C SER C 296 14.32 -2.68 12.37
N GLY C 297 15.56 -2.22 12.50
CA GLY C 297 16.55 -2.90 13.31
C GLY C 297 17.62 -3.56 12.46
N GLY C 298 18.75 -3.85 13.10
CA GLY C 298 19.92 -4.37 12.41
C GLY C 298 19.69 -5.73 11.77
N THR C 299 18.89 -6.55 12.42
CA THR C 299 18.59 -7.90 11.95
C THR C 299 17.59 -7.93 10.78
N THR C 300 16.98 -6.79 10.44
CA THR C 300 16.20 -6.67 9.20
C THR C 300 17.05 -6.24 8.00
N MET C 301 18.37 -6.22 8.14
CA MET C 301 19.26 -5.78 7.06
C MET C 301 19.68 -6.87 6.08
N TYR C 302 19.39 -8.15 6.35
CA TYR C 302 19.78 -9.23 5.44
C TYR C 302 19.24 -8.90 4.04
N PRO C 303 20.10 -8.97 2.99
CA PRO C 303 19.54 -8.84 1.65
C PRO C 303 18.49 -9.90 1.35
N GLY C 304 17.41 -9.51 0.68
CA GLY C 304 16.32 -10.44 0.30
C GLY C 304 15.23 -10.63 1.35
N ILE C 305 15.41 -10.10 2.57
CA ILE C 305 14.46 -10.33 3.66
C ILE C 305 13.12 -9.67 3.43
N ALA C 306 13.11 -8.55 2.72
CA ALA C 306 11.90 -7.83 2.35
C ALA C 306 11.11 -8.66 1.37
N ASP C 307 11.76 -9.08 0.28
CA ASP C 307 11.11 -9.92 -0.74
C ASP C 307 10.61 -11.28 -0.21
N ARG C 308 11.36 -11.86 0.73
CA ARG C 308 10.97 -13.09 1.38
C ARG C 308 9.70 -12.92 2.22
N MET C 309 9.63 -11.82 2.98
CA MET C 309 8.48 -11.49 3.79
C MET C 309 7.26 -11.20 2.91
N GLN C 310 7.46 -10.44 1.83
CA GLN C 310 6.43 -10.22 0.78
C GLN C 310 5.78 -11.54 0.36
N LYS C 311 6.62 -12.52 0.04
CA LYS C 311 6.16 -13.79 -0.48
C LYS C 311 5.39 -14.56 0.60
N GLU C 312 5.95 -14.64 1.81
CA GLU C 312 5.32 -15.45 2.86
C GLU C 312 4.02 -14.85 3.37
N ILE C 313 3.97 -13.53 3.51
CA ILE C 313 2.74 -12.90 3.94
C ILE C 313 1.65 -13.06 2.88
N THR C 314 2.02 -12.92 1.60
CA THR C 314 1.11 -13.09 0.48
C THR C 314 0.46 -14.49 0.50
N ALA C 315 1.22 -15.52 0.91
CA ALA C 315 0.68 -16.88 1.06
C ALA C 315 -0.21 -17.09 2.30
N LEU C 316 -0.01 -16.29 3.34
CA LEU C 316 -0.84 -16.35 4.54
C LEU C 316 -2.13 -15.52 4.42
N ALA C 317 -2.10 -14.48 3.60
CA ALA C 317 -3.18 -13.46 3.56
C ALA C 317 -4.19 -13.77 2.47
N PRO C 318 -5.40 -13.15 2.55
CA PRO C 318 -6.36 -13.30 1.46
C PRO C 318 -5.75 -12.89 0.10
N SER C 319 -6.26 -13.49 -0.97
CA SER C 319 -5.63 -13.40 -2.31
C SER C 319 -5.62 -11.99 -2.94
N THR C 320 -6.65 -11.18 -2.66
CA THR C 320 -6.73 -9.80 -3.16
C THR C 320 -6.16 -8.74 -2.18
N MET C 321 -5.61 -9.17 -1.06
CA MET C 321 -5.00 -8.26 -0.10
C MET C 321 -3.74 -7.62 -0.69
N LYS C 322 -3.66 -6.30 -0.63
CA LYS C 322 -2.47 -5.60 -1.05
C LYS C 322 -1.48 -5.56 0.12
N ILE C 323 -0.30 -6.09 -0.16
CA ILE C 323 0.76 -6.24 0.81
C ILE C 323 1.97 -5.42 0.36
N LYS C 324 2.58 -4.76 1.34
CA LYS C 324 3.74 -3.93 1.13
C LYS C 324 4.64 -4.07 2.36
N ILE C 325 5.90 -4.43 2.10
CA ILE C 325 6.96 -4.43 3.09
C ILE C 325 7.76 -3.17 2.83
N ILE C 326 7.91 -2.34 3.84
CA ILE C 326 8.76 -1.15 3.74
C ILE C 326 10.00 -1.44 4.57
N ALA C 327 11.14 -1.51 3.90
CA ALA C 327 12.45 -1.68 4.55
C ALA C 327 13.34 -0.53 4.08
N PRO C 328 13.29 0.61 4.78
CA PRO C 328 14.13 1.76 4.37
C PRO C 328 15.66 1.49 4.46
N PRO C 329 16.46 2.07 3.54
CA PRO C 329 17.94 1.91 3.64
C PRO C 329 18.55 2.21 5.03
N GLU C 330 17.95 3.12 5.78
CA GLU C 330 18.50 3.57 7.05
C GLU C 330 17.85 2.91 8.30
N ARG C 331 17.19 1.76 8.09
CA ARG C 331 16.42 1.09 9.14
C ARG C 331 17.22 0.56 10.32
N LYS C 332 18.53 0.42 10.17
CA LYS C 332 19.43 0.27 11.36
C LYS C 332 19.27 1.40 12.38
N TYR C 333 18.84 2.58 11.96
CA TYR C 333 18.71 3.73 12.86
C TYR C 333 17.35 4.39 12.83
N SER C 334 16.36 3.70 12.25
CA SER C 334 14.97 4.19 12.16
C SER C 334 14.36 4.65 13.48
N VAL C 335 14.58 3.86 14.52
CA VAL C 335 14.08 4.19 15.87
C VAL C 335 14.65 5.55 16.30
N TRP C 336 15.96 5.69 16.20
CA TRP C 336 16.61 6.95 16.58
C TRP C 336 16.09 8.10 15.73
N ILE C 337 15.92 7.86 14.42
CA ILE C 337 15.48 8.88 13.47
C ILE C 337 14.07 9.33 13.79
N GLY C 338 13.19 8.37 14.09
CA GLY C 338 11.84 8.69 14.54
C GLY C 338 11.81 9.58 15.78
N GLY C 339 12.60 9.21 16.79
CA GLY C 339 12.80 10.05 17.96
C GLY C 339 13.30 11.45 17.63
N SER C 340 14.22 11.57 16.66
CA SER C 340 14.74 12.89 16.22
C SER C 340 13.65 13.80 15.67
N ILE C 341 12.77 13.23 14.83
CA ILE C 341 11.67 13.98 14.22
C ILE C 341 10.64 14.41 15.30
N LEU C 342 10.28 13.49 16.21
CA LEU C 342 9.30 13.79 17.26
C LEU C 342 9.80 14.91 18.17
N ALA C 343 11.00 14.71 18.71
CA ALA C 343 11.61 15.61 19.67
C ALA C 343 11.78 17.05 19.18
N SER C 344 11.90 17.24 17.85
CA SER C 344 12.11 18.57 17.26
C SER C 344 10.88 19.14 16.54
N LEU C 345 9.71 18.54 16.72
CA LEU C 345 8.48 19.06 16.16
C LEU C 345 7.87 20.04 17.16
N SER C 346 7.45 21.22 16.69
CA SER C 346 6.93 22.28 17.58
C SER C 346 5.68 21.84 18.37
N THR C 347 4.86 20.99 17.76
CA THR C 347 3.64 20.48 18.41
C THR C 347 3.95 19.50 19.56
N PHE C 348 5.13 18.91 19.56
CA PHE C 348 5.52 17.98 20.61
C PHE C 348 6.10 18.65 21.88
N GLN C 349 6.45 19.94 21.82
CA GLN C 349 7.12 20.60 22.95
C GLN C 349 6.26 20.72 24.22
N GLN C 350 4.94 20.65 24.08
CA GLN C 350 4.04 20.52 25.25
C GLN C 350 4.04 19.13 25.90
N MET C 351 4.51 18.10 25.21
CA MET C 351 4.36 16.72 25.67
C MET C 351 5.42 16.23 26.66
N TRP C 352 6.51 16.99 26.80
CA TRP C 352 7.60 16.64 27.72
C TRP C 352 7.12 16.55 29.17
N ILE C 353 7.67 15.61 29.93
CA ILE C 353 7.56 15.64 31.38
C ILE C 353 8.58 16.67 31.86
N THR C 354 8.10 17.77 32.48
CA THR C 354 8.99 18.79 33.02
C THR C 354 9.41 18.37 34.42
N LYS C 355 10.57 18.86 34.84
CA LYS C 355 11.04 18.62 36.21
C LYS C 355 10.04 19.09 37.25
N GLN C 356 9.37 20.22 36.99
CA GLN C 356 8.31 20.70 37.90
C GLN C 356 7.18 19.68 38.05
N GLU C 357 6.65 19.18 36.94
CA GLU C 357 5.68 18.08 36.99
C GLU C 357 6.23 16.85 37.77
N TYR C 358 7.49 16.47 37.49
CA TYR C 358 8.14 15.39 38.25
C TYR C 358 8.30 15.65 39.77
N ASP C 359 8.63 16.87 40.17
CA ASP C 359 8.81 17.18 41.60
C ASP C 359 7.49 17.11 42.34
N GLU C 360 6.40 17.38 41.61
CA GLU C 360 5.03 17.34 42.12
C GLU C 360 4.46 15.92 42.32
N ALA C 361 4.61 15.09 41.29
CA ALA C 361 3.96 13.78 41.22
C ALA C 361 4.89 12.58 41.46
N GLY C 362 6.19 12.73 41.18
CA GLY C 362 7.14 11.61 41.28
C GLY C 362 7.12 10.68 40.06
N PRO C 363 7.89 9.58 40.12
CA PRO C 363 8.08 8.69 38.95
C PRO C 363 6.79 8.12 38.27
N SER C 364 5.69 7.98 39.00
CA SER C 364 4.42 7.48 38.45
C SER C 364 3.85 8.31 37.29
N ILE C 365 4.22 9.59 37.20
CA ILE C 365 3.73 10.49 36.14
C ILE C 365 4.00 9.97 34.73
N VAL C 366 5.08 9.21 34.55
CA VAL C 366 5.42 8.62 33.27
C VAL C 366 4.25 7.84 32.61
N HIS C 367 3.42 7.18 33.43
CA HIS C 367 2.30 6.38 32.93
C HIS C 367 1.22 7.25 32.27
N ARG C 368 0.96 8.46 32.79
CA ARG C 368 -0.02 9.31 32.12
C ARG C 368 0.56 10.20 31.01
N LYS C 369 1.78 10.71 31.17
CA LYS C 369 2.36 11.61 30.14
C LYS C 369 3.05 10.91 28.97
N CYS C 370 3.42 9.65 29.14
CA CYS C 370 4.03 8.83 28.10
C CYS C 370 3.13 7.58 27.98
N PHE C 371 1.98 7.78 27.35
CA PHE C 371 0.88 6.79 27.44
C PHE C 371 1.34 5.44 26.92
N GLY D 1 -34.86 7.98 42.26
CA GLY D 1 -35.19 9.31 42.84
C GLY D 1 -34.09 9.93 43.70
N PRO D 2 -33.84 9.38 44.90
CA PRO D 2 -32.97 9.99 45.94
C PRO D 2 -31.60 10.45 45.43
N MET D 3 -30.97 9.58 44.65
CA MET D 3 -29.64 9.77 44.12
C MET D 3 -29.65 10.37 42.71
N SER D 4 -30.82 10.43 42.08
CA SER D 4 -30.94 10.90 40.70
C SER D 4 -30.55 12.36 40.55
N GLU D 5 -30.91 13.18 41.54
CA GLU D 5 -30.41 14.56 41.66
C GLU D 5 -28.88 14.60 41.57
N LYS D 6 -28.22 13.92 42.53
CA LYS D 6 -26.75 13.89 42.62
C LYS D 6 -26.10 13.38 41.34
N ILE D 7 -26.71 12.37 40.71
CA ILE D 7 -26.18 11.81 39.46
C ILE D 7 -26.25 12.82 38.32
N GLU D 8 -27.40 13.46 38.12
CA GLU D 8 -27.54 14.43 37.03
C GLU D 8 -26.59 15.61 37.24
N GLY D 9 -26.40 16.01 38.50
CA GLY D 9 -25.37 16.98 38.89
C GLY D 9 -23.96 16.59 38.47
N ILE D 10 -23.65 15.29 38.54
CA ILE D 10 -22.35 14.79 38.09
C ILE D 10 -22.17 14.91 36.57
N ILE D 11 -23.17 14.48 35.80
CA ILE D 11 -23.17 14.68 34.35
C ILE D 11 -23.06 16.18 33.96
N ASP D 12 -23.84 17.04 34.61
CA ASP D 12 -23.82 18.48 34.33
C ASP D 12 -22.41 19.05 34.45
N ASP D 13 -21.72 18.72 35.55
CA ASP D 13 -20.35 19.17 35.81
C ASP D 13 -19.36 18.59 34.81
N LEU D 14 -19.50 17.31 34.50
CA LEU D 14 -18.60 16.67 33.53
C LEU D 14 -18.68 17.34 32.14
N LEU D 15 -19.91 17.61 31.68
CA LEU D 15 -20.13 18.30 30.41
C LEU D 15 -19.69 19.78 30.45
N ASN D 16 -19.88 20.45 31.58
CA ASN D 16 -19.43 21.85 31.73
C ASN D 16 -17.89 21.95 31.69
N VAL D 17 -17.18 20.95 32.23
CA VAL D 17 -15.71 20.94 32.32
C VAL D 17 -15.00 20.32 31.12
N GLU D 18 -15.64 19.37 30.44
CA GLU D 18 -15.08 18.82 29.21
C GLU D 18 -15.91 19.24 28.00
N GLU D 19 -15.50 20.33 27.37
CA GLU D 19 -16.11 20.86 26.15
C GLU D 19 -16.17 19.85 24.99
N ASN D 20 -15.18 18.96 24.90
CA ASN D 20 -15.12 17.96 23.85
C ASN D 20 -15.84 16.65 24.20
N ALA D 21 -16.44 16.57 25.39
CA ALA D 21 -17.37 15.50 25.74
C ALA D 21 -18.73 15.90 25.20
N ASP D 22 -19.29 15.02 24.36
CA ASP D 22 -20.48 15.29 23.55
C ASP D 22 -21.75 14.63 24.05
N ALA D 23 -21.63 13.45 24.63
CA ALA D 23 -22.77 12.73 25.19
C ALA D 23 -22.29 11.86 26.32
N ILE D 24 -23.20 11.56 27.25
CA ILE D 24 -22.87 10.74 28.41
C ILE D 24 -23.96 9.69 28.60
N ALA D 25 -23.55 8.48 28.99
CA ALA D 25 -24.48 7.46 29.47
C ALA D 25 -23.87 6.81 30.71
N ILE D 26 -24.73 6.50 31.68
CA ILE D 26 -24.33 5.82 32.91
C ILE D 26 -25.05 4.48 32.95
N ILE D 27 -24.27 3.40 33.10
CA ILE D 27 -24.81 2.03 33.18
C ILE D 27 -24.69 1.53 34.62
N GLY D 28 -25.78 0.98 35.15
CA GLY D 28 -25.82 0.52 36.54
C GLY D 28 -25.29 -0.88 36.74
N LYS D 29 -25.24 -1.33 38.00
CA LYS D 29 -24.77 -2.69 38.35
C LYS D 29 -25.55 -3.82 37.67
N ASP D 30 -26.85 -3.60 37.47
CA ASP D 30 -27.71 -4.59 36.81
C ASP D 30 -27.50 -4.72 35.29
N GLY D 31 -26.71 -3.80 34.71
CA GLY D 31 -26.50 -3.74 33.26
C GLY D 31 -27.51 -2.86 32.54
N GLN D 32 -28.27 -2.07 33.30
CA GLN D 32 -29.30 -1.18 32.76
C GLN D 32 -28.84 0.29 32.79
N ILE D 33 -29.46 1.12 31.96
CA ILE D 33 -29.24 2.56 31.94
C ILE D 33 -29.90 3.23 33.15
N VAL D 34 -29.06 3.90 33.94
CA VAL D 34 -29.49 4.74 35.06
C VAL D 34 -30.04 6.03 34.45
N THR D 35 -29.20 6.64 33.62
CA THR D 35 -29.56 7.80 32.85
C THR D 35 -28.60 8.06 31.71
N GLN D 36 -29.00 8.95 30.83
CA GLN D 36 -28.17 9.38 29.71
C GLN D 36 -28.65 10.75 29.22
N THR D 37 -27.79 11.40 28.47
CA THR D 37 -28.13 12.68 27.86
C THR D 37 -29.12 12.50 26.71
N GLU D 38 -29.99 13.49 26.56
CA GLU D 38 -31.06 13.50 25.55
C GLU D 38 -30.61 13.51 24.07
N ASN D 39 -29.32 13.65 23.77
CA ASN D 39 -28.85 13.70 22.37
C ASN D 39 -28.42 12.34 21.79
N TRP D 40 -28.51 11.29 22.59
CA TRP D 40 -28.31 9.93 22.12
C TRP D 40 -29.11 8.94 22.96
N ASN D 41 -29.06 7.66 22.56
CA ASN D 41 -29.71 6.57 23.27
C ASN D 41 -28.96 5.26 22.99
N VAL D 42 -28.32 4.71 24.02
CA VAL D 42 -27.51 3.52 23.90
C VAL D 42 -28.28 2.22 24.24
N SER D 43 -29.60 2.32 24.47
CA SER D 43 -30.37 1.21 25.01
C SER D 43 -30.56 0.00 24.08
N ASN D 44 -30.32 0.16 22.77
CA ASN D 44 -30.31 -0.99 21.85
C ASN D 44 -28.92 -1.61 21.71
N ASP D 45 -27.90 -1.02 22.32
CA ASP D 45 -26.54 -1.57 22.26
C ASP D 45 -26.06 -2.11 23.62
N LEU D 46 -27.00 -2.39 24.52
CA LEU D 46 -26.67 -2.74 25.92
C LEU D 46 -25.95 -4.07 26.03
N GLU D 47 -26.27 -4.97 25.11
CA GLU D 47 -25.74 -6.33 25.13
C GLU D 47 -24.24 -6.37 24.85
N ILE D 48 -23.77 -5.64 23.86
CA ILE D 48 -22.33 -5.59 23.57
C ILE D 48 -21.57 -4.75 24.63
N ILE D 49 -22.18 -3.67 25.14
CA ILE D 49 -21.56 -2.87 26.19
C ILE D 49 -21.37 -3.71 27.47
N ASN D 50 -22.42 -4.40 27.88
CA ASN D 50 -22.38 -5.28 29.06
C ASN D 50 -21.46 -6.48 28.87
N GLU D 51 -21.38 -7.00 27.65
CA GLU D 51 -20.43 -8.08 27.33
C GLU D 51 -18.98 -7.59 27.50
N LEU D 52 -18.67 -6.39 27.01
CA LEU D 52 -17.35 -5.76 27.22
C LEU D 52 -17.05 -5.57 28.70
N LEU D 53 -18.02 -5.06 29.44
CA LEU D 53 -17.85 -4.76 30.87
C LEU D 53 -17.63 -6.01 31.75
N ASN D 54 -18.33 -7.11 31.46
CA ASN D 54 -18.14 -8.39 32.19
C ASN D 54 -17.14 -9.32 31.49
N GLU D 55 -16.35 -8.80 30.55
CA GLU D 55 -15.30 -9.58 29.91
C GLU D 55 -14.13 -9.66 30.88
N LYS D 56 -13.75 -10.88 31.24
CA LYS D 56 -12.58 -11.13 32.07
C LYS D 56 -11.82 -12.27 31.42
N LEU D 57 -10.68 -11.91 30.83
CA LEU D 57 -10.05 -12.69 29.78
C LEU D 57 -8.95 -13.59 30.35
N ALA D 58 -8.91 -14.85 29.91
CA ALA D 58 -7.81 -15.75 30.27
C ALA D 58 -6.52 -15.30 29.58
N LEU D 59 -5.39 -15.86 30.04
CA LEU D 59 -4.08 -15.59 29.42
C LEU D 59 -3.99 -16.31 28.07
N GLY D 60 -3.91 -15.53 27.01
CA GLY D 60 -3.94 -16.05 25.63
C GLY D 60 -5.22 -15.72 24.86
N GLU D 61 -6.33 -15.51 25.58
CA GLU D 61 -7.67 -15.48 24.99
C GLU D 61 -7.93 -14.14 24.27
N LYS D 62 -8.39 -14.18 23.02
CA LYS D 62 -8.72 -12.96 22.26
C LYS D 62 -10.04 -12.37 22.76
N GLY D 63 -10.06 -11.06 22.93
CA GLY D 63 -11.24 -10.37 23.43
C GLY D 63 -11.98 -9.65 22.33
N ILE D 64 -12.94 -8.84 22.77
CA ILE D 64 -13.71 -7.97 21.89
C ILE D 64 -12.78 -6.87 21.38
N THR D 65 -12.59 -6.80 20.06
CA THR D 65 -11.82 -5.74 19.42
C THR D 65 -12.68 -4.60 18.86
N SER D 66 -14.01 -4.79 18.87
CA SER D 66 -14.94 -3.84 18.26
C SER D 66 -16.21 -3.69 19.10
N LEU D 67 -16.83 -2.51 19.01
CA LEU D 67 -18.01 -2.19 19.79
C LEU D 67 -18.87 -1.21 18.99
N SER D 68 -20.16 -1.51 18.83
CA SER D 68 -21.09 -0.58 18.15
C SER D 68 -22.09 0.06 19.10
N ILE D 69 -22.17 1.40 19.05
CA ILE D 69 -23.14 2.17 19.81
C ILE D 69 -23.87 3.12 18.87
N GLN D 70 -25.20 2.98 18.81
CA GLN D 70 -26.11 3.81 18.01
C GLN D 70 -25.65 4.02 16.56
N GLY D 71 -25.35 2.92 15.88
CA GLY D 71 -24.88 2.99 14.51
C GLY D 71 -23.38 3.20 14.32
N ILE D 72 -22.66 3.74 15.30
CA ILE D 72 -21.22 4.02 15.14
C ILE D 72 -20.34 2.85 15.65
N LYS D 73 -19.43 2.39 14.79
CA LYS D 73 -18.48 1.33 15.11
C LYS D 73 -17.18 1.89 15.70
N TYR D 74 -16.84 1.43 16.90
CA TYR D 74 -15.64 1.83 17.62
C TYR D 74 -14.71 0.64 17.83
N MET D 75 -13.47 0.77 17.36
CA MET D 75 -12.40 -0.20 17.62
C MET D 75 -11.75 0.04 19.00
N ILE D 76 -11.49 -1.04 19.74
CA ILE D 76 -10.85 -0.96 21.06
C ILE D 76 -9.35 -0.68 20.90
N VAL D 77 -8.89 0.41 21.52
CA VAL D 77 -7.47 0.82 21.53
C VAL D 77 -6.80 0.80 22.92
N GLU D 78 -7.60 0.53 23.95
CA GLU D 78 -7.16 0.46 25.34
C GLU D 78 -8.20 -0.33 26.14
N ASN D 79 -7.74 -1.18 27.05
CA ASN D 79 -8.64 -1.99 27.84
C ASN D 79 -8.00 -2.48 29.13
N THR D 80 -8.35 -1.80 30.22
CA THR D 80 -8.05 -2.24 31.57
C THR D 80 -9.34 -2.19 32.38
N GLU D 81 -9.28 -2.68 33.61
CA GLU D 81 -10.40 -2.57 34.55
C GLU D 81 -10.80 -1.11 34.85
N GLU D 82 -9.86 -0.18 34.73
CA GLU D 82 -10.09 1.24 35.01
C GLU D 82 -10.74 2.00 33.85
N ARG D 83 -10.26 1.76 32.63
CA ARG D 83 -10.78 2.46 31.45
C ARG D 83 -10.64 1.63 30.18
N LYS D 84 -11.59 1.85 29.28
CA LYS D 84 -11.65 1.17 28.00
C LYS D 84 -11.98 2.24 26.98
N ILE D 85 -11.31 2.19 25.84
CA ILE D 85 -11.39 3.23 24.84
C ILE D 85 -11.67 2.63 23.49
N GLY D 86 -12.74 3.12 22.87
CA GLY D 86 -13.08 2.79 21.50
C GLY D 86 -12.97 4.02 20.64
N THR D 87 -12.44 3.85 19.42
CA THR D 87 -12.34 4.95 18.47
C THR D 87 -12.90 4.50 17.10
N ASN D 88 -13.64 5.39 16.44
CA ASN D 88 -14.11 5.15 15.07
C ASN D 88 -12.98 5.49 14.12
N ILE D 89 -12.74 4.62 13.14
CA ILE D 89 -11.55 4.77 12.27
C ILE D 89 -11.76 5.69 11.05
N THR D 90 -13.00 6.16 10.85
CA THR D 90 -13.32 7.21 9.85
C THR D 90 -13.80 8.50 10.54
N GLY D 91 -13.20 8.86 11.67
CA GLY D 91 -13.38 10.17 12.30
C GLY D 91 -14.75 10.58 12.85
N LYS D 92 -15.58 9.63 13.28
CA LYS D 92 -16.90 9.93 13.87
C LYS D 92 -16.89 10.05 15.40
N GLY D 93 -15.72 9.89 16.01
CA GLY D 93 -15.53 10.14 17.44
C GLY D 93 -15.02 8.94 18.19
N HIS D 94 -14.96 9.09 19.51
CA HIS D 94 -14.46 8.07 20.42
C HIS D 94 -15.46 7.81 21.53
N VAL D 95 -15.29 6.67 22.21
CA VAL D 95 -16.05 6.39 23.40
C VAL D 95 -15.08 6.02 24.53
N LEU D 96 -15.30 6.58 25.72
CA LEU D 96 -14.57 6.20 26.93
C LEU D 96 -15.52 5.48 27.87
N ILE D 97 -15.18 4.25 28.25
CA ILE D 97 -16.00 3.44 29.11
C ILE D 97 -15.20 3.13 30.37
N CYS D 98 -15.56 3.82 31.47
CA CYS D 98 -14.90 3.68 32.76
C CYS D 98 -15.79 2.90 33.74
N PRO D 99 -15.40 1.66 34.11
CA PRO D 99 -16.29 0.89 34.96
C PRO D 99 -16.49 1.45 36.36
N ILE D 100 -17.68 1.22 36.92
CA ILE D 100 -18.02 1.61 38.28
C ILE D 100 -18.44 0.32 39.02
N PRO D 101 -17.72 -0.07 40.08
CA PRO D 101 -16.40 0.46 40.46
C PRO D 101 -15.36 -0.04 39.46
N ILE D 102 -14.07 0.16 39.74
CA ILE D 102 -13.01 -0.41 38.90
C ILE D 102 -13.26 -1.92 38.68
N GLY D 103 -13.24 -2.35 37.42
CA GLY D 103 -13.46 -3.76 37.06
C GLY D 103 -14.88 -4.29 37.27
N GLY D 104 -15.84 -3.38 37.43
CA GLY D 104 -17.20 -3.75 37.81
C GLY D 104 -18.19 -3.69 36.66
N PRO D 105 -19.44 -4.14 36.92
CA PRO D 105 -20.49 -4.20 35.90
C PRO D 105 -21.09 -2.84 35.49
N GLY D 106 -21.04 -1.84 36.36
CA GLY D 106 -21.46 -0.49 35.99
C GLY D 106 -20.49 0.20 35.02
N ALA D 107 -20.86 1.40 34.58
CA ALA D 107 -19.98 2.19 33.71
C ALA D 107 -20.39 3.66 33.65
N LEU D 108 -19.39 4.55 33.71
CA LEU D 108 -19.52 5.88 33.12
C LEU D 108 -19.02 5.80 31.67
N ILE D 109 -19.88 6.21 30.73
CA ILE D 109 -19.60 6.20 29.30
C ILE D 109 -19.66 7.64 28.76
N ALA D 110 -18.57 8.10 28.15
CA ALA D 110 -18.50 9.43 27.56
C ALA D 110 -18.20 9.32 26.08
N TYR D 111 -19.05 9.91 25.26
CA TYR D 111 -18.81 10.00 23.81
C TYR D 111 -18.02 11.30 23.60
N VAL D 112 -16.83 11.15 23.01
CA VAL D 112 -15.90 12.26 22.78
C VAL D 112 -15.88 12.66 21.31
N ASN D 113 -15.87 13.96 21.06
CA ASN D 113 -15.80 14.55 19.72
C ASN D 113 -14.50 14.15 18.99
N PRO D 114 -14.56 13.95 17.66
CA PRO D 114 -13.34 13.55 16.94
C PRO D 114 -12.18 14.56 16.93
N ARG D 115 -12.45 15.84 17.20
CA ARG D 115 -11.37 16.86 17.23
C ARG D 115 -10.36 16.58 18.35
N ALA D 116 -10.82 15.94 19.43
CA ALA D 116 -9.95 15.56 20.56
C ALA D 116 -9.36 14.17 20.37
N GLY D 117 -8.17 13.96 20.94
CA GLY D 117 -7.62 12.62 21.10
C GLY D 117 -8.32 11.95 22.27
N PRO D 118 -8.75 10.68 22.12
CA PRO D 118 -9.59 10.04 23.17
C PRO D 118 -8.98 10.10 24.60
N ARG D 119 -7.67 9.92 24.70
CA ARG D 119 -6.99 9.84 26.02
C ARG D 119 -6.89 11.17 26.80
N ASP D 120 -7.08 12.29 26.12
CA ASP D 120 -7.08 13.63 26.72
C ASP D 120 -8.12 13.81 27.83
N LEU D 121 -9.30 13.23 27.64
CA LEU D 121 -10.41 13.34 28.60
C LEU D 121 -10.34 12.35 29.77
N LEU D 122 -9.37 11.44 29.74
CA LEU D 122 -9.37 10.26 30.61
C LEU D 122 -9.26 10.63 32.10
N PHE D 123 -8.40 11.57 32.45
CA PHE D 123 -8.25 12.01 33.85
C PHE D 123 -9.59 12.35 34.50
N ASN D 124 -10.32 13.27 33.88
CA ASN D 124 -11.59 13.74 34.40
C ASN D 124 -12.66 12.64 34.39
N VAL D 125 -12.80 11.94 33.26
CA VAL D 125 -13.81 10.87 33.15
C VAL D 125 -13.58 9.75 34.21
N GLN D 126 -12.38 9.18 34.26
CA GLN D 126 -12.03 8.22 35.34
C GLN D 126 -12.40 8.72 36.75
N GLU D 127 -12.12 9.98 37.02
CA GLU D 127 -12.43 10.58 38.33
C GLU D 127 -13.93 10.72 38.60
N TYR D 128 -14.68 11.16 37.58
CA TYR D 128 -16.15 11.27 37.69
C TYR D 128 -16.81 9.89 37.86
N ALA D 129 -16.18 8.84 37.31
CA ALA D 129 -16.63 7.44 37.45
C ALA D 129 -16.44 6.89 38.88
N LYS D 130 -15.37 7.30 39.54
CA LYS D 130 -15.20 7.00 40.97
C LYS D 130 -16.25 7.71 41.84
N LYS D 131 -16.55 8.96 41.51
CA LYS D 131 -17.59 9.71 42.23
C LYS D 131 -18.95 9.00 42.21
N LEU D 132 -19.24 8.29 41.12
CA LEU D 132 -20.51 7.55 40.97
C LEU D 132 -20.57 6.17 41.68
N ILE D 133 -19.53 5.75 42.41
CA ILE D 133 -19.52 4.37 42.95
C ILE D 133 -20.69 4.14 43.92
N ASN D 134 -20.79 4.97 44.96
CA ASN D 134 -21.86 4.82 45.96
C ASN D 134 -23.23 5.33 45.50
N LEU D 135 -23.29 5.95 44.32
CA LEU D 135 -24.55 6.45 43.75
C LEU D 135 -25.24 5.45 42.80
N ILE D 136 -24.62 4.29 42.59
CA ILE D 136 -25.08 3.15 41.75
C ILE D 136 -24.76 3.36 40.28
#